data_3UFH
#
_entry.id   3UFH
#
_cell.length_a   69.880
_cell.length_b   106.530
_cell.length_c   151.120
_cell.angle_alpha   90.00
_cell.angle_beta   90.00
_cell.angle_gamma   90.00
#
_symmetry.space_group_name_H-M   'P 21 21 21'
#
loop_
_entity.id
_entity.type
_entity.pdbx_description
1 polymer UndA
2 non-polymer 'HEME C'
3 non-polymer 'MAGNESIUM ION'
4 non-polymer 'CALCIUM ION'
5 non-polymer 'FE (III) ION'
6 non-polymer 'CITRATE ANION'
7 non-polymer 'OXYGEN ATOM'
8 non-polymer GLYCEROL
9 water water
#
_entity_poly.entity_id   1
_entity_poly.type   'polypeptide(L)'
_entity_poly.pdbx_seq_one_letter_code
;MSKKLLSVLFGASLAALALSPTAFAADQGGSDGKDGEDGKPGPVGLDISQATTLKATLEDVKIDNGTVSVDIVLTNANGV
PVTGLEQYAQINAIGLGIAKLTPESGKGYKTPQWVSYINSVKAADPARSLANYSYTDGKDSAGNPITKEVKFTPGDAIQA
NIESSCKTTCLTVVDSGVYRYTFQTNLSTLPAIEGLDLTYDPTLIHRITLELQTDGSKDAKLVNSHIDFLPSDNFRVAKE
TETRTVVDLEANCIKCHSTNYSDTSSTAKPLALHGGRRIGIANCQVCHTSYSKDPETGSPLDMGAMVHAIHKGTYAMVGY
SGTAYDFSGTMAKAAAESGYPQYREGKDVSERVTLPVSIGNCQSCHSTDDKGPVDAASFKHHKGLACASCHMSGFNPVDN
SEWLTPPEGQKDRGFVGNYFHYYATPEIDGIPGVNLVHVFQNGGCASCHAEQGEEGSAKYHLAKANATKLLRTEYAYKLE
NGTFDVAKGELTFTVNWHSDVAPHQDPKVKEFWVSLTAFNGTEYTMGPRPSNGTLGRSENRISVNLAKVETNANLTAVPN
GSKVTYTLTGIKAVIGTSSVPYKQIVSIGKGFMDGKLLICANSAELDPTMDAAIDCSNTEAPIYEVIVGSNKASFSADAS
NVTARSIVISEAKCANCHGEKADFSASHALTHAADKPDNSCGTCHSAVPNTAVALADGSCVACHNGAPAHSKKPFERGFD
FKVMIHQIHADTRSVRRLTTDAATFPENPANCAACHDKGQLSLATLGNKPAFLASTGEYSPTVAACASCHATTATDSAVI
GHFETNGGVYNAAAGTYTPGSETCATCHGEGKSFGVDKVHPVKYKGELKLEGKPIPNPLLGLDSTRTGHHHHHH
;
_entity_poly.pdbx_strand_id   A
#
loop_
_chem_comp.id
_chem_comp.type
_chem_comp.name
_chem_comp.formula
CA non-polymer 'CALCIUM ION' 'Ca 2'
FE non-polymer 'FE (III) ION' 'Fe 3'
FLC non-polymer 'CITRATE ANION' 'C6 H5 O7 -3'
GOL non-polymer GLYCEROL 'C3 H8 O3'
HEC non-polymer 'HEME C' 'C34 H34 Fe N4 O4'
MG non-polymer 'MAGNESIUM ION' 'Mg 2'
O non-polymer 'OXYGEN ATOM' O
#
# COMPACT_ATOMS: atom_id res chain seq x y z
N GLY A 45 -0.90 -43.30 -17.25
CA GLY A 45 -1.20 -43.19 -15.78
C GLY A 45 -0.21 -42.30 -15.02
N LEU A 46 -0.64 -41.07 -14.68
CA LEU A 46 -2.06 -40.67 -14.66
C LEU A 46 -2.46 -39.74 -15.82
N ASP A 47 -3.63 -40.01 -16.41
CA ASP A 47 -4.11 -39.22 -17.55
C ASP A 47 -4.53 -37.76 -17.19
N ILE A 48 -4.01 -36.82 -17.99
CA ILE A 48 -4.34 -35.42 -17.88
C ILE A 48 -5.81 -35.17 -17.52
N SER A 49 -6.74 -35.91 -18.13
CA SER A 49 -8.17 -35.58 -17.93
C SER A 49 -8.71 -35.99 -16.56
N GLN A 50 -7.88 -36.68 -15.78
CA GLN A 50 -8.24 -37.14 -14.42
C GLN A 50 -7.32 -36.53 -13.38
N ALA A 51 -6.15 -36.04 -13.82
CA ALA A 51 -5.34 -35.12 -13.02
C ALA A 51 -6.13 -33.86 -12.56
N THR A 52 -6.08 -33.59 -11.25
CA THR A 52 -6.78 -32.44 -10.65
C THR A 52 -5.83 -31.24 -10.41
N THR A 53 -4.54 -31.53 -10.23
CA THR A 53 -3.47 -30.52 -10.09
C THR A 53 -2.38 -30.79 -11.14
N LEU A 54 -1.85 -29.76 -11.79
CA LEU A 54 -0.56 -29.85 -12.53
C LEU A 54 0.57 -29.09 -11.86
N LYS A 55 1.76 -29.66 -11.85
CA LYS A 55 2.99 -28.93 -11.51
C LYS A 55 3.95 -29.21 -12.64
N ALA A 56 4.65 -28.19 -13.08
CA ALA A 56 5.55 -28.34 -14.20
C ALA A 56 6.84 -27.63 -13.90
N THR A 57 7.93 -28.19 -14.38
CA THR A 57 9.18 -27.46 -14.43
C THR A 57 9.80 -27.74 -15.81
N LEU A 58 10.13 -26.66 -16.50
CA LEU A 58 10.89 -26.75 -17.74
C LEU A 58 12.32 -26.44 -17.40
N GLU A 59 12.83 -27.12 -16.38
CA GLU A 59 14.17 -26.87 -15.92
C GLU A 59 15.13 -27.47 -16.94
N ASP A 60 14.58 -28.30 -17.82
CA ASP A 60 15.36 -29.38 -18.43
C ASP A 60 15.55 -29.21 -19.94
N VAL A 61 16.82 -29.11 -20.36
CA VAL A 61 17.25 -29.34 -21.76
C VAL A 61 17.29 -28.08 -22.71
N LYS A 62 17.66 -28.27 -23.99
CA LYS A 62 18.52 -27.29 -24.71
C LYS A 62 18.67 -27.38 -26.27
N ILE A 63 19.53 -26.54 -26.88
CA ILE A 63 19.43 -26.19 -28.32
C ILE A 63 20.71 -25.99 -29.19
N ASP A 64 20.49 -25.69 -30.49
CA ASP A 64 21.54 -25.74 -31.54
C ASP A 64 21.03 -25.41 -32.99
N ASN A 65 21.86 -24.70 -33.75
CA ASN A 65 21.51 -24.35 -35.13
C ASN A 65 20.43 -23.26 -35.24
N GLY A 66 20.21 -22.52 -34.16
CA GLY A 66 19.05 -21.63 -34.06
C GLY A 66 17.76 -22.32 -33.68
N THR A 67 17.77 -23.63 -33.62
CA THR A 67 16.55 -24.35 -33.33
C THR A 67 16.50 -24.67 -31.84
N VAL A 68 15.50 -24.11 -31.15
CA VAL A 68 15.43 -24.21 -29.69
C VAL A 68 14.45 -25.30 -29.25
N SER A 69 14.86 -26.11 -28.28
CA SER A 69 13.91 -26.98 -27.62
C SER A 69 14.13 -27.09 -26.11
N VAL A 70 13.12 -27.57 -25.40
CA VAL A 70 13.20 -27.65 -23.94
C VAL A 70 12.28 -28.76 -23.40
N ASP A 71 12.72 -29.48 -22.38
CA ASP A 71 11.83 -30.43 -21.72
C ASP A 71 10.95 -29.84 -20.62
N ILE A 72 9.70 -30.24 -20.64
CA ILE A 72 8.71 -29.89 -19.65
C ILE A 72 8.36 -31.14 -18.85
N VAL A 73 8.80 -31.20 -17.59
CA VAL A 73 8.43 -32.28 -16.71
C VAL A 73 7.08 -32.07 -15.99
N LEU A 74 6.01 -32.65 -16.52
CA LEU A 74 4.66 -32.39 -16.03
C LEU A 74 4.17 -33.46 -15.03
N THR A 75 3.88 -33.04 -13.80
CA THR A 75 3.63 -33.98 -12.73
C THR A 75 2.40 -33.60 -11.91
N ASN A 76 2.16 -34.38 -10.85
CA ASN A 76 1.06 -34.13 -9.90
C ASN A 76 1.50 -33.19 -8.80
N ALA A 77 0.53 -32.65 -8.07
CA ALA A 77 0.76 -32.21 -6.69
C ALA A 77 1.75 -33.15 -5.98
N ASN A 78 1.43 -34.45 -5.92
CA ASN A 78 2.31 -35.42 -5.28
C ASN A 78 3.54 -35.73 -6.13
N GLY A 79 3.32 -35.87 -7.44
CA GLY A 79 4.43 -36.04 -8.38
C GLY A 79 4.33 -37.27 -9.27
N VAL A 80 3.10 -37.74 -9.46
CA VAL A 80 2.80 -38.71 -10.51
C VAL A 80 2.80 -37.98 -11.85
N PRO A 81 3.62 -38.43 -12.82
CA PRO A 81 3.70 -37.76 -14.12
C PRO A 81 2.36 -37.80 -14.86
N VAL A 82 1.99 -36.69 -15.45
CA VAL A 82 0.72 -36.61 -16.13
C VAL A 82 0.93 -36.84 -17.61
N THR A 83 0.21 -37.83 -18.14
CA THR A 83 0.38 -38.28 -19.51
C THR A 83 -0.81 -37.76 -20.33
N GLY A 84 -0.64 -37.69 -21.65
CA GLY A 84 -1.77 -37.41 -22.56
C GLY A 84 -1.98 -35.95 -22.93
N LEU A 85 -1.18 -35.05 -22.35
CA LEU A 85 -1.24 -33.62 -22.69
C LEU A 85 -1.21 -33.38 -24.21
N GLU A 86 -0.25 -34.03 -24.88
CA GLU A 86 -0.01 -33.83 -26.31
C GLU A 86 -1.20 -34.22 -27.19
N GLN A 87 -2.22 -34.84 -26.57
CA GLN A 87 -3.47 -35.26 -27.26
C GLN A 87 -4.68 -34.46 -26.78
N TYR A 88 -4.49 -33.64 -25.74
CA TYR A 88 -5.58 -33.21 -24.85
C TYR A 88 -6.46 -32.17 -25.51
N ALA A 89 -7.77 -32.43 -25.51
CA ALA A 89 -8.74 -31.51 -26.12
C ALA A 89 -9.17 -30.33 -25.23
N GLN A 90 -8.67 -30.29 -23.99
CA GLN A 90 -9.02 -29.21 -23.08
C GLN A 90 -7.82 -28.36 -22.61
N ILE A 91 -6.86 -28.12 -23.50
CA ILE A 91 -5.78 -27.15 -23.27
C ILE A 91 -6.21 -25.73 -23.70
N ASN A 92 -6.07 -24.78 -22.76
CA ASN A 92 -6.35 -23.35 -22.99
C ASN A 92 -5.10 -22.63 -23.50
N ALA A 93 -3.94 -23.00 -22.97
CA ALA A 93 -2.71 -22.36 -23.42
C ALA A 93 -1.44 -23.14 -23.12
N ILE A 94 -0.48 -23.04 -24.03
CA ILE A 94 0.88 -23.52 -23.87
C ILE A 94 1.73 -22.44 -24.54
N GLY A 95 2.53 -21.72 -23.76
CA GLY A 95 3.28 -20.60 -24.30
C GLY A 95 4.71 -20.70 -23.82
N LEU A 96 5.64 -20.52 -24.74
CA LEU A 96 7.03 -20.51 -24.33
C LEU A 96 7.71 -19.29 -24.88
N GLY A 97 8.56 -18.69 -24.05
CA GLY A 97 9.30 -17.53 -24.49
C GLY A 97 10.76 -17.69 -24.17
N ILE A 98 11.59 -16.85 -24.76
CA ILE A 98 13.04 -16.96 -24.60
C ILE A 98 13.64 -15.58 -24.77
N ALA A 99 14.69 -15.31 -24.01
CA ALA A 99 15.23 -13.96 -23.91
C ALA A 99 16.65 -14.05 -23.41
N LYS A 100 17.46 -13.06 -23.78
CA LYS A 100 18.84 -13.00 -23.33
C LYS A 100 18.99 -11.80 -22.44
N LEU A 101 19.93 -11.87 -21.51
CA LEU A 101 20.13 -10.83 -20.54
C LEU A 101 21.35 -10.00 -20.96
N THR A 102 21.11 -8.91 -21.67
CA THR A 102 22.19 -8.09 -22.23
C THR A 102 22.72 -7.04 -21.27
N PRO A 103 24.01 -6.68 -21.37
CA PRO A 103 24.55 -5.73 -20.41
C PRO A 103 24.37 -4.32 -20.88
N GLU A 104 24.47 -3.37 -19.94
CA GLU A 104 24.29 -1.95 -20.25
C GLU A 104 25.45 -1.27 -19.62
N SER A 105 25.80 -0.11 -20.15
CA SER A 105 26.93 0.63 -19.62
C SER A 105 26.66 2.11 -19.77
N GLY A 106 27.39 2.89 -19.00
CA GLY A 106 27.35 4.34 -19.06
C GLY A 106 28.31 4.76 -17.96
N LYS A 107 28.16 5.99 -17.46
CA LYS A 107 28.79 6.40 -16.20
C LYS A 107 28.26 5.65 -14.94
N GLY A 108 29.17 5.03 -14.20
CA GLY A 108 28.80 4.18 -13.08
C GLY A 108 28.25 2.86 -13.55
N TYR A 109 27.67 2.08 -12.63
CA TYR A 109 27.07 0.81 -12.98
C TYR A 109 25.59 0.92 -13.40
N LYS A 110 25.24 0.19 -14.47
CA LYS A 110 23.86 0.09 -14.91
C LYS A 110 23.60 -1.37 -15.06
N THR A 111 22.40 -1.78 -14.67
CA THR A 111 22.11 -3.18 -14.59
C THR A 111 21.76 -3.70 -15.98
N PRO A 112 21.94 -5.01 -16.21
CA PRO A 112 21.57 -5.74 -17.42
C PRO A 112 20.08 -5.80 -17.59
N GLN A 113 19.64 -6.00 -18.83
CA GLN A 113 18.25 -5.97 -19.18
C GLN A 113 17.84 -7.11 -20.15
N TRP A 114 16.63 -7.63 -20.01
CA TRP A 114 16.20 -8.73 -20.86
C TRP A 114 15.93 -8.23 -22.27
N VAL A 115 16.30 -9.03 -23.27
CA VAL A 115 15.77 -8.85 -24.62
C VAL A 115 15.10 -10.14 -25.07
N SER A 116 13.83 -10.06 -25.44
CA SER A 116 13.15 -11.18 -26.08
C SER A 116 13.68 -11.35 -27.50
N TYR A 117 13.81 -12.60 -27.96
CA TYR A 117 14.14 -12.85 -29.36
C TYR A 117 12.87 -12.75 -30.17
N ILE A 118 11.74 -13.01 -29.53
CA ILE A 118 10.44 -12.93 -30.18
C ILE A 118 9.79 -11.59 -29.93
N ASN A 119 9.65 -10.81 -30.99
CA ASN A 119 9.14 -9.44 -30.94
C ASN A 119 8.36 -9.18 -32.19
N SER A 120 7.58 -8.11 -32.18
CA SER A 120 6.93 -7.69 -33.39
C SER A 120 6.61 -6.23 -33.27
N VAL A 121 6.39 -5.58 -34.39
CA VAL A 121 6.01 -4.18 -34.39
C VAL A 121 4.50 -4.12 -34.50
N LYS A 122 3.86 -3.52 -33.50
CA LYS A 122 2.41 -3.35 -33.50
C LYS A 122 2.02 -1.93 -33.92
N ALA A 123 1.00 -1.82 -34.77
CA ALA A 123 0.44 -0.53 -35.15
C ALA A 123 -0.68 -0.17 -34.20
N ALA A 124 -0.96 1.12 -34.10
CA ALA A 124 -2.07 1.60 -33.29
C ALA A 124 -3.39 1.48 -34.04
N ASP A 125 -4.43 0.98 -33.35
CA ASP A 125 -5.78 1.06 -33.86
C ASP A 125 -6.30 2.51 -33.81
N PRO A 126 -6.63 3.08 -34.99
CA PRO A 126 -6.88 4.50 -35.14
C PRO A 126 -7.95 5.00 -34.18
N ALA A 127 -9.05 4.26 -34.04
CA ALA A 127 -10.17 4.73 -33.22
C ALA A 127 -9.89 4.60 -31.70
N ARG A 128 -8.90 3.76 -31.34
CA ARG A 128 -8.51 3.55 -29.93
C ARG A 128 -7.15 4.18 -29.59
N SER A 129 -6.68 5.07 -30.45
CA SER A 129 -5.46 5.82 -30.24
C SER A 129 -5.85 7.09 -29.48
N LEU A 130 -5.50 7.17 -28.20
CA LEU A 130 -6.21 8.06 -27.27
C LEU A 130 -5.88 9.53 -27.54
N ALA A 131 -6.89 10.39 -27.50
CA ALA A 131 -6.71 11.83 -27.68
C ALA A 131 -6.29 12.48 -26.37
N ASN A 132 -5.70 13.65 -26.47
CA ASN A 132 -5.20 14.38 -25.35
C ASN A 132 -6.39 14.98 -24.69
N TYR A 133 -6.32 15.21 -23.39
CA TYR A 133 -7.44 15.85 -22.75
C TYR A 133 -6.99 16.75 -21.62
N SER A 134 -7.88 17.56 -21.09
CA SER A 134 -7.56 18.29 -19.89
C SER A 134 -8.70 18.24 -18.89
N TYR A 135 -8.41 18.55 -17.63
CA TYR A 135 -9.43 18.59 -16.63
C TYR A 135 -9.10 19.63 -15.55
N THR A 136 -10.12 20.17 -14.92
CA THR A 136 -9.93 21.08 -13.80
C THR A 136 -9.57 20.31 -12.53
N ASP A 137 -8.69 20.88 -11.72
CA ASP A 137 -8.36 20.28 -10.41
C ASP A 137 -7.78 21.29 -9.41
N GLY A 138 -8.63 21.80 -8.52
CA GLY A 138 -8.18 22.69 -7.45
C GLY A 138 -8.11 24.13 -7.94
N LYS A 139 -7.62 25.02 -7.08
CA LYS A 139 -7.55 26.44 -7.40
C LYS A 139 -6.15 26.94 -7.13
N ASP A 140 -5.69 27.94 -7.88
CA ASP A 140 -4.42 28.54 -7.55
C ASP A 140 -4.54 29.53 -6.39
N SER A 141 -3.52 30.37 -6.23
CA SER A 141 -3.40 31.21 -5.04
C SER A 141 -4.37 32.41 -5.13
N ALA A 142 -4.54 32.96 -6.33
CA ALA A 142 -5.58 33.96 -6.62
C ALA A 142 -7.01 33.43 -6.49
N GLY A 143 -7.18 32.12 -6.29
CA GLY A 143 -8.53 31.52 -6.29
C GLY A 143 -9.14 31.15 -7.65
N ASN A 144 -8.32 31.03 -8.69
CA ASN A 144 -8.80 30.59 -10.02
C ASN A 144 -8.55 29.09 -10.29
N PRO A 145 -9.44 28.44 -11.05
CA PRO A 145 -9.33 26.99 -11.26
C PRO A 145 -8.09 26.60 -12.07
N ILE A 146 -7.48 25.49 -11.68
CA ILE A 146 -6.27 24.99 -12.29
C ILE A 146 -6.63 23.96 -13.36
N THR A 147 -6.04 24.06 -14.53
CA THR A 147 -6.34 23.07 -15.58
C THR A 147 -5.14 22.16 -15.74
N LYS A 148 -5.39 20.85 -15.69
CA LYS A 148 -4.31 19.91 -16.00
C LYS A 148 -4.50 19.25 -17.37
N GLU A 149 -3.38 18.86 -17.95
CA GLU A 149 -3.33 18.36 -19.32
C GLU A 149 -2.79 16.97 -19.25
N VAL A 150 -3.42 16.05 -19.98
CA VAL A 150 -2.87 14.72 -20.15
C VAL A 150 -2.61 14.45 -21.63
N LYS A 151 -1.40 14.00 -21.95
CA LYS A 151 -0.90 13.92 -23.32
C LYS A 151 -0.42 12.52 -23.66
N PHE A 152 -0.65 12.13 -24.92
CA PHE A 152 -0.24 10.81 -25.37
C PHE A 152 0.58 10.88 -26.66
N THR A 153 1.23 9.76 -27.01
CA THR A 153 1.98 9.67 -28.27
C THR A 153 1.72 8.37 -29.00
N PRO A 154 0.49 8.20 -29.49
CA PRO A 154 0.16 7.05 -30.29
C PRO A 154 1.08 6.96 -31.50
N GLY A 155 1.38 5.73 -31.91
CA GLY A 155 2.42 5.50 -32.92
C GLY A 155 2.87 4.06 -32.85
N ASP A 156 3.35 3.53 -33.98
CA ASP A 156 3.82 2.15 -34.08
C ASP A 156 4.89 1.85 -33.02
N ALA A 157 4.87 0.63 -32.47
CA ALA A 157 5.72 0.32 -31.30
C ALA A 157 6.16 -1.12 -31.29
N ILE A 158 7.35 -1.39 -30.79
CA ILE A 158 7.78 -2.75 -30.55
C ILE A 158 7.12 -3.36 -29.29
N GLN A 159 6.74 -4.63 -29.38
CA GLN A 159 6.27 -5.42 -28.23
C GLN A 159 6.95 -6.79 -28.22
N ALA A 160 7.65 -7.08 -27.14
CA ALA A 160 8.10 -8.41 -26.92
C ALA A 160 6.87 -9.26 -26.72
N ASN A 161 7.01 -10.55 -27.03
CA ASN A 161 5.91 -11.53 -26.95
C ASN A 161 6.53 -12.91 -26.78
N ILE A 162 5.68 -13.93 -26.81
CA ILE A 162 6.12 -15.32 -26.64
C ILE A 162 5.53 -16.17 -27.77
N GLU A 163 5.82 -17.48 -27.75
CA GLU A 163 5.29 -18.39 -28.75
C GLU A 163 4.10 -19.20 -28.19
N SER A 164 2.91 -18.95 -28.72
CA SER A 164 1.65 -19.40 -28.10
C SER A 164 0.77 -20.24 -29.04
N SER A 165 0.98 -20.07 -30.35
CA SER A 165 0.02 -20.53 -31.36
C SER A 165 0.31 -21.99 -31.74
N CYS A 166 1.55 -22.43 -31.51
CA CYS A 166 1.90 -23.81 -31.78
C CYS A 166 1.15 -24.83 -30.92
N LYS A 167 1.34 -24.75 -29.59
CA LYS A 167 0.79 -25.71 -28.63
C LYS A 167 1.30 -27.13 -28.89
N THR A 168 0.40 -28.11 -29.04
CA THR A 168 0.83 -29.53 -29.09
C THR A 168 1.70 -29.84 -30.32
N THR A 169 1.29 -29.29 -31.47
CA THR A 169 2.13 -29.26 -32.67
C THR A 169 3.64 -29.15 -32.45
N CYS A 170 4.09 -28.59 -31.33
CA CYS A 170 5.54 -28.50 -31.06
C CYS A 170 5.99 -29.49 -30.02
N LEU A 171 5.10 -30.43 -29.69
CA LEU A 171 5.38 -31.39 -28.64
C LEU A 171 5.65 -32.83 -29.12
N THR A 172 6.71 -33.41 -28.57
CA THR A 172 7.00 -34.80 -28.74
C THR A 172 7.23 -35.45 -27.36
N VAL A 173 6.37 -36.41 -27.01
CA VAL A 173 6.55 -37.19 -25.78
C VAL A 173 7.93 -37.89 -25.80
N VAL A 174 8.62 -37.89 -24.67
CA VAL A 174 10.03 -38.33 -24.59
C VAL A 174 10.19 -39.32 -23.43
N ASP A 175 9.14 -39.43 -22.61
CA ASP A 175 9.18 -40.11 -21.33
C ASP A 175 7.79 -39.95 -20.68
N SER A 176 7.57 -40.63 -19.56
CA SER A 176 6.28 -40.52 -18.86
C SER A 176 6.11 -39.13 -18.26
N GLY A 177 5.01 -38.46 -18.65
CA GLY A 177 4.80 -37.07 -18.29
C GLY A 177 5.75 -36.05 -18.93
N VAL A 178 6.98 -36.47 -19.25
CA VAL A 178 8.03 -35.56 -19.76
C VAL A 178 7.84 -35.23 -21.26
N TYR A 179 7.38 -34.02 -21.57
CA TYR A 179 7.20 -33.63 -22.96
C TYR A 179 8.40 -32.84 -23.51
N ARG A 180 8.42 -32.64 -24.83
CA ARG A 180 9.45 -31.82 -25.45
C ARG A 180 8.91 -30.78 -26.46
N TYR A 181 9.16 -29.52 -26.11
CA TYR A 181 8.85 -28.37 -26.95
C TYR A 181 10.02 -27.96 -27.82
N THR A 182 9.83 -28.03 -29.14
CA THR A 182 10.74 -27.41 -30.09
C THR A 182 10.04 -26.16 -30.65
N PHE A 183 10.75 -25.04 -30.61
CA PHE A 183 10.15 -23.75 -30.99
C PHE A 183 9.90 -23.72 -32.49
N GLN A 184 8.73 -23.27 -32.92
CA GLN A 184 8.55 -22.90 -34.32
C GLN A 184 9.57 -21.83 -34.70
N THR A 185 9.97 -21.00 -33.73
CA THR A 185 10.77 -19.81 -33.99
C THR A 185 12.25 -20.19 -34.03
N ASN A 186 12.91 -19.87 -35.13
CA ASN A 186 14.36 -20.08 -35.23
C ASN A 186 15.12 -18.81 -34.97
N LEU A 187 16.21 -18.90 -34.22
CA LEU A 187 17.03 -17.75 -33.81
C LEU A 187 17.82 -17.15 -34.97
N SER A 188 17.94 -17.91 -36.06
CA SER A 188 18.69 -17.49 -37.25
C SER A 188 17.82 -16.74 -38.27
N THR A 189 16.55 -17.14 -38.40
CA THR A 189 15.65 -16.53 -39.37
C THR A 189 14.78 -15.43 -38.78
N LEU A 190 15.33 -14.64 -37.85
CA LEU A 190 14.53 -13.59 -37.19
C LEU A 190 14.55 -12.29 -37.99
N PRO A 191 13.34 -11.86 -38.42
CA PRO A 191 13.15 -10.60 -39.14
C PRO A 191 13.75 -9.42 -38.39
N ALA A 192 14.64 -8.70 -39.04
CA ALA A 192 15.18 -7.48 -38.43
C ALA A 192 14.08 -6.50 -37.97
N ILE A 193 14.34 -5.86 -36.84
CA ILE A 193 13.49 -4.79 -36.33
C ILE A 193 14.43 -3.63 -36.00
N GLU A 194 14.10 -2.44 -36.51
CA GLU A 194 14.96 -1.25 -36.35
C GLU A 194 15.22 -0.89 -34.88
N GLY A 195 16.48 -0.66 -34.54
CA GLY A 195 16.86 -0.24 -33.18
C GLY A 195 17.16 -1.40 -32.26
N LEU A 196 16.65 -2.57 -32.61
CA LEU A 196 16.80 -3.75 -31.77
C LEU A 196 17.87 -4.71 -32.29
N ASP A 197 18.81 -5.07 -31.42
CA ASP A 197 19.83 -6.09 -31.72
C ASP A 197 19.42 -7.52 -31.25
N LEU A 198 18.99 -8.35 -32.21
CA LEU A 198 18.45 -9.67 -31.91
C LEU A 198 19.43 -10.84 -32.14
N THR A 199 20.72 -10.53 -32.29
CA THR A 199 21.71 -11.57 -32.62
C THR A 199 21.98 -12.54 -31.48
N TYR A 200 21.96 -13.84 -31.77
CA TYR A 200 22.10 -14.88 -30.74
C TYR A 200 23.49 -14.88 -30.11
N ASP A 201 23.57 -14.98 -28.79
CA ASP A 201 24.87 -14.97 -28.12
C ASP A 201 24.93 -15.86 -26.88
N PRO A 202 25.60 -17.03 -27.01
CA PRO A 202 25.64 -18.11 -26.01
C PRO A 202 26.39 -17.76 -24.72
N THR A 203 27.19 -16.69 -24.73
CA THR A 203 27.88 -16.22 -23.54
C THR A 203 26.96 -15.51 -22.53
N LEU A 204 25.85 -14.95 -23.04
CA LEU A 204 24.86 -14.24 -22.23
C LEU A 204 23.87 -15.23 -21.63
N ILE A 205 23.60 -15.04 -20.33
CA ILE A 205 22.54 -15.72 -19.61
C ILE A 205 21.20 -15.67 -20.34
N HIS A 206 20.40 -16.71 -20.22
CA HIS A 206 19.25 -16.87 -21.08
C HIS A 206 18.02 -17.31 -20.27
N ARG A 207 16.82 -17.01 -20.76
CA ARG A 207 15.66 -17.45 -20.04
C ARG A 207 14.67 -18.11 -20.97
N ILE A 208 14.10 -19.20 -20.51
CA ILE A 208 12.89 -19.65 -21.16
C ILE A 208 11.73 -19.71 -20.17
N THR A 209 10.54 -19.38 -20.63
CA THR A 209 9.39 -19.36 -19.72
C THR A 209 8.30 -20.31 -20.19
N LEU A 210 7.52 -20.84 -19.25
CA LEU A 210 6.38 -21.61 -19.65
C LEU A 210 5.13 -21.01 -19.02
N GLU A 211 4.09 -20.84 -19.81
CA GLU A 211 2.76 -20.69 -19.26
C GLU A 211 1.93 -21.87 -19.77
N LEU A 212 1.34 -22.62 -18.85
CA LEU A 212 0.57 -23.81 -19.22
C LEU A 212 -0.77 -23.87 -18.47
N GLN A 213 -1.85 -24.02 -19.21
CA GLN A 213 -3.17 -23.95 -18.59
C GLN A 213 -4.20 -24.90 -19.22
N THR A 214 -4.95 -25.65 -18.38
CA THR A 214 -5.97 -26.60 -18.86
C THR A 214 -7.33 -26.51 -18.14
N ASP A 215 -8.41 -26.82 -18.86
CA ASP A 215 -9.75 -26.94 -18.26
C ASP A 215 -10.29 -25.61 -17.69
N GLY A 216 -9.84 -24.52 -18.30
CA GLY A 216 -10.19 -23.15 -17.87
C GLY A 216 -9.70 -22.79 -16.47
N SER A 217 -8.61 -23.40 -16.03
CA SER A 217 -8.28 -23.48 -14.61
C SER A 217 -7.40 -22.32 -14.16
N LYS A 218 -7.93 -21.53 -13.23
CA LYS A 218 -7.17 -20.40 -12.69
C LYS A 218 -6.09 -20.72 -11.66
N ASP A 219 -5.85 -21.99 -11.33
CA ASP A 219 -4.79 -22.26 -10.34
C ASP A 219 -4.28 -23.69 -10.33
N ALA A 220 -5.19 -24.60 -9.98
CA ALA A 220 -4.82 -26.00 -9.82
C ALA A 220 -4.13 -26.51 -11.09
N LYS A 221 -4.74 -26.22 -12.24
CA LYS A 221 -4.21 -26.71 -13.50
C LYS A 221 -3.59 -25.58 -14.35
N LEU A 222 -3.02 -24.58 -13.66
CA LEU A 222 -2.28 -23.48 -14.28
C LEU A 222 -0.85 -23.50 -13.77
N VAL A 223 0.13 -23.35 -14.66
CA VAL A 223 1.52 -23.18 -14.25
C VAL A 223 2.24 -22.12 -15.08
N ASN A 224 3.06 -21.34 -14.38
CA ASN A 224 4.12 -20.51 -14.95
C ASN A 224 5.37 -21.08 -14.35
N SER A 225 6.35 -21.41 -15.17
CA SER A 225 7.67 -21.74 -14.65
C SER A 225 8.65 -21.11 -15.59
N HIS A 226 9.92 -21.28 -15.27
CA HIS A 226 10.95 -20.70 -16.10
C HIS A 226 12.31 -21.33 -15.76
N ILE A 227 13.23 -21.22 -16.71
CA ILE A 227 14.62 -21.68 -16.50
C ILE A 227 15.57 -20.63 -17.06
N ASP A 228 16.54 -20.23 -16.25
CA ASP A 228 17.62 -19.35 -16.72
C ASP A 228 18.85 -20.23 -16.81
N PHE A 229 19.71 -19.94 -17.77
CA PHE A 229 20.83 -20.82 -18.06
C PHE A 229 21.90 -20.11 -18.87
N LEU A 230 23.04 -20.77 -18.99
CA LEU A 230 24.15 -20.25 -19.77
C LEU A 230 24.44 -21.27 -20.88
N PRO A 231 23.88 -21.04 -22.08
CA PRO A 231 24.03 -21.98 -23.21
C PRO A 231 25.51 -22.39 -23.43
N SER A 232 26.43 -21.43 -23.41
CA SER A 232 27.85 -21.70 -23.64
C SER A 232 28.47 -22.73 -22.69
N ASP A 233 28.05 -22.75 -21.42
CA ASP A 233 28.47 -23.80 -20.47
C ASP A 233 27.60 -25.06 -20.55
N ASN A 234 27.53 -25.64 -21.73
CA ASN A 234 26.53 -26.64 -22.03
C ASN A 234 25.23 -26.41 -21.24
N PHE A 235 24.66 -25.22 -21.38
CA PHE A 235 23.26 -24.98 -20.99
C PHE A 235 23.00 -25.26 -19.50
N ARG A 236 24.02 -24.97 -18.69
CA ARG A 236 23.91 -25.18 -17.25
C ARG A 236 23.03 -24.09 -16.60
N VAL A 237 22.22 -24.52 -15.63
CA VAL A 237 21.42 -23.63 -14.79
C VAL A 237 22.25 -22.46 -14.20
N ALA A 238 21.79 -21.25 -14.49
CA ALA A 238 22.43 -20.01 -14.03
C ALA A 238 22.43 -19.92 -12.50
N LYS A 239 23.50 -19.39 -11.92
CA LYS A 239 23.55 -19.14 -10.48
C LYS A 239 22.70 -17.91 -10.16
N GLU A 240 21.96 -17.93 -9.04
CA GLU A 240 21.09 -16.79 -8.66
C GLU A 240 21.82 -15.46 -8.82
N THR A 241 23.11 -15.45 -8.51
CA THR A 241 23.93 -14.27 -8.61
C THR A 241 24.36 -13.94 -10.05
N GLU A 242 23.77 -14.62 -11.04
CA GLU A 242 24.17 -14.43 -12.44
C GLU A 242 23.02 -13.91 -13.29
N THR A 243 21.80 -14.26 -12.91
CA THR A 243 20.63 -13.85 -13.66
C THR A 243 20.06 -12.53 -13.09
N ARG A 244 18.80 -12.24 -13.40
CA ARG A 244 18.25 -10.93 -13.11
C ARG A 244 16.87 -11.14 -12.56
N THR A 245 16.72 -10.84 -11.28
CA THR A 245 15.45 -11.06 -10.59
C THR A 245 14.86 -9.70 -10.11
N VAL A 246 15.69 -8.90 -9.45
CA VAL A 246 15.34 -7.57 -8.94
C VAL A 246 14.24 -7.55 -7.86
N VAL A 247 13.10 -8.15 -8.18
CA VAL A 247 12.01 -8.26 -7.23
C VAL A 247 11.53 -9.69 -7.17
N ASP A 248 11.01 -10.04 -6.00
CA ASP A 248 10.49 -11.38 -5.74
C ASP A 248 9.02 -11.23 -5.27
N LEU A 249 8.13 -12.05 -5.82
CA LEU A 249 6.74 -11.99 -5.44
C LEU A 249 6.50 -11.99 -3.92
N GLU A 250 7.17 -12.88 -3.19
CA GLU A 250 6.88 -13.09 -1.78
C GLU A 250 7.54 -12.00 -0.94
N ALA A 251 8.78 -11.67 -1.26
CA ALA A 251 9.53 -10.69 -0.49
C ALA A 251 9.00 -9.27 -0.69
N ASN A 252 8.28 -9.01 -1.79
CA ASN A 252 8.12 -7.67 -2.27
C ASN A 252 6.68 -7.26 -2.61
N CYS A 253 5.75 -8.19 -2.84
CA CYS A 253 4.47 -7.85 -3.44
C CYS A 253 3.34 -8.38 -2.59
N ILE A 254 3.57 -9.54 -2.04
CA ILE A 254 2.56 -10.20 -1.23
C ILE A 254 2.10 -9.43 0.01
N LYS A 255 2.96 -8.56 0.56
CA LYS A 255 2.58 -7.74 1.73
C LYS A 255 1.26 -7.02 1.44
N CYS A 256 1.03 -6.68 0.17
CA CYS A 256 -0.22 -6.10 -0.27
C CYS A 256 -1.13 -6.98 -1.15
N HIS A 257 -0.56 -7.67 -2.14
CA HIS A 257 -1.41 -8.42 -3.11
C HIS A 257 -1.89 -9.81 -2.61
N SER A 258 -3.14 -10.16 -2.92
CA SER A 258 -3.64 -11.53 -2.83
C SER A 258 -3.05 -12.42 -3.90
N THR A 259 -2.59 -13.60 -3.47
CA THR A 259 -2.21 -14.66 -4.39
C THR A 259 -3.11 -15.91 -4.25
N ASN A 260 -4.32 -15.70 -3.79
CA ASN A 260 -5.30 -16.74 -3.80
C ASN A 260 -5.92 -16.85 -5.21
N TYR A 261 -5.13 -17.35 -6.16
CA TYR A 261 -5.60 -17.46 -7.56
C TYR A 261 -6.92 -18.21 -7.77
N SER A 262 -7.24 -19.18 -6.91
CA SER A 262 -8.43 -20.01 -7.12
C SER A 262 -9.67 -19.40 -6.51
N ASP A 263 -9.49 -18.30 -5.76
CA ASP A 263 -10.56 -17.62 -5.04
C ASP A 263 -11.81 -17.52 -5.92
N THR A 264 -12.91 -18.12 -5.44
CA THR A 264 -14.15 -18.24 -6.22
C THR A 264 -15.15 -17.16 -5.92
N SER A 265 -14.95 -16.47 -4.79
CA SER A 265 -15.92 -15.49 -4.26
C SER A 265 -16.06 -14.30 -5.20
N SER A 266 -17.11 -13.52 -5.00
CA SER A 266 -17.42 -12.40 -5.89
C SER A 266 -16.42 -11.25 -5.77
N THR A 267 -15.66 -11.22 -4.67
CA THR A 267 -14.75 -10.12 -4.41
C THR A 267 -13.27 -10.53 -4.58
N ALA A 268 -13.00 -11.69 -5.16
CA ALA A 268 -11.62 -12.09 -5.41
C ALA A 268 -10.86 -11.02 -6.18
N LYS A 269 -9.54 -11.03 -6.03
CA LYS A 269 -8.69 -9.94 -6.45
C LYS A 269 -7.23 -10.45 -6.36
N PRO A 270 -6.96 -11.67 -6.87
CA PRO A 270 -5.57 -12.13 -6.89
C PRO A 270 -4.72 -11.42 -7.96
N LEU A 271 -3.40 -11.38 -7.76
CA LEU A 271 -2.53 -10.73 -8.74
C LEU A 271 -2.24 -11.74 -9.85
N ALA A 272 -3.20 -11.90 -10.75
CA ALA A 272 -3.01 -12.76 -11.92
C ALA A 272 -3.45 -11.99 -13.15
N LEU A 273 -2.55 -11.81 -14.11
CA LEU A 273 -2.82 -10.84 -15.19
C LEU A 273 -3.24 -11.53 -16.51
N HIS A 274 -3.82 -10.77 -17.44
CA HIS A 274 -4.02 -11.27 -18.83
C HIS A 274 -4.97 -12.50 -18.85
N GLY A 275 -6.19 -12.26 -18.41
CA GLY A 275 -7.18 -13.32 -18.36
C GLY A 275 -6.95 -14.36 -17.26
N GLY A 276 -5.89 -14.21 -16.48
CA GLY A 276 -5.74 -15.02 -15.29
C GLY A 276 -4.59 -15.97 -15.44
N ARG A 277 -3.88 -15.86 -16.54
CA ARG A 277 -2.97 -16.91 -16.96
C ARG A 277 -1.55 -16.60 -16.56
N ARG A 278 -1.28 -15.33 -16.30
CA ARG A 278 0.09 -14.90 -15.95
C ARG A 278 0.26 -14.45 -14.46
N ILE A 279 1.17 -15.10 -13.74
CA ILE A 279 1.21 -14.99 -12.28
C ILE A 279 2.63 -14.88 -11.73
N GLY A 280 3.61 -15.30 -12.52
CA GLY A 280 5.02 -15.27 -12.13
C GLY A 280 5.79 -14.06 -12.68
N ILE A 281 6.58 -13.42 -11.81
CA ILE A 281 7.39 -12.28 -12.17
C ILE A 281 8.35 -12.62 -13.31
N ALA A 282 8.82 -13.88 -13.36
CA ALA A 282 9.93 -14.20 -14.24
C ALA A 282 9.39 -14.18 -15.64
N ASN A 283 8.12 -14.54 -15.75
CA ASN A 283 7.36 -14.45 -16.98
C ASN A 283 7.08 -13.03 -17.47
N CYS A 284 6.59 -12.16 -16.56
CA CYS A 284 6.38 -10.74 -16.84
C CYS A 284 7.57 -10.21 -17.58
N GLN A 285 8.74 -10.57 -17.09
CA GLN A 285 9.94 -9.82 -17.41
C GLN A 285 10.42 -10.05 -18.84
N VAL A 286 9.96 -11.14 -19.43
CA VAL A 286 10.30 -11.43 -20.82
C VAL A 286 9.57 -10.49 -21.78
N CYS A 287 8.26 -10.30 -21.57
CA CYS A 287 7.50 -9.36 -22.39
C CYS A 287 7.61 -7.87 -22.04
N HIS A 288 7.71 -7.56 -20.73
CA HIS A 288 7.64 -6.16 -20.25
C HIS A 288 9.05 -5.55 -20.26
N THR A 289 9.61 -5.38 -21.45
CA THR A 289 11.04 -5.04 -21.61
C THR A 289 11.17 -3.55 -21.77
N SER A 290 12.39 -3.07 -21.67
CA SER A 290 12.64 -1.66 -21.70
C SER A 290 12.29 -1.03 -23.04
N TYR A 291 12.15 -1.82 -24.10
CA TYR A 291 11.83 -1.21 -25.39
C TYR A 291 10.38 -1.37 -25.81
N SER A 292 9.59 -2.14 -25.06
CA SER A 292 8.22 -2.37 -25.50
C SER A 292 7.33 -1.19 -25.14
N LYS A 293 6.32 -0.91 -25.96
CA LYS A 293 5.40 0.19 -25.73
C LYS A 293 4.00 -0.16 -26.16
N ASP A 294 3.02 0.54 -25.59
CA ASP A 294 1.67 0.50 -26.10
C ASP A 294 1.50 1.49 -27.26
N PRO A 295 1.24 0.96 -28.47
CA PRO A 295 1.15 1.84 -29.67
C PRO A 295 0.00 2.81 -29.62
N GLU A 296 -1.08 2.48 -28.90
CA GLU A 296 -2.19 3.40 -28.75
C GLU A 296 -1.91 4.66 -27.91
N THR A 297 -0.84 4.65 -27.13
CA THR A 297 -0.64 5.75 -26.19
C THR A 297 0.81 6.18 -26.15
N GLY A 298 1.71 5.31 -26.58
CA GLY A 298 3.12 5.54 -26.35
C GLY A 298 3.58 5.09 -24.95
N SER A 299 2.64 4.69 -24.09
CA SER A 299 3.05 4.35 -22.72
C SER A 299 4.09 3.21 -22.75
N PRO A 300 5.12 3.28 -21.89
CA PRO A 300 6.04 2.17 -21.71
C PRO A 300 5.43 0.94 -21.02
N LEU A 301 5.99 -0.21 -21.38
CA LEU A 301 5.53 -1.50 -20.89
C LEU A 301 6.67 -2.11 -20.14
N ASP A 302 7.80 -1.43 -20.19
CA ASP A 302 8.87 -1.77 -19.30
C ASP A 302 8.30 -2.01 -17.88
N MET A 303 8.83 -3.04 -17.24
CA MET A 303 8.22 -3.55 -16.02
C MET A 303 8.28 -2.52 -14.88
N GLY A 304 9.44 -1.92 -14.71
CA GLY A 304 9.67 -0.87 -13.74
C GLY A 304 8.86 0.37 -14.07
N ALA A 305 8.98 0.85 -15.30
CA ALA A 305 8.29 2.07 -15.64
C ALA A 305 6.77 1.88 -15.49
N MET A 306 6.27 0.72 -15.85
CA MET A 306 4.86 0.43 -15.76
C MET A 306 4.46 0.30 -14.28
N VAL A 307 5.23 -0.46 -13.51
CA VAL A 307 4.86 -0.72 -12.12
C VAL A 307 4.95 0.55 -11.25
N HIS A 308 5.98 1.37 -11.45
CA HIS A 308 6.03 2.64 -10.72
C HIS A 308 4.83 3.51 -11.03
N ALA A 309 4.46 3.63 -12.32
CA ALA A 309 3.39 4.56 -12.72
C ALA A 309 2.02 4.05 -12.29
N ILE A 310 1.84 2.77 -12.35
CA ILE A 310 0.57 2.19 -11.90
C ILE A 310 0.36 2.56 -10.44
N HIS A 311 1.35 2.35 -9.59
CA HIS A 311 1.18 2.54 -8.14
C HIS A 311 1.21 4.04 -7.79
N LYS A 312 1.82 4.86 -8.64
CA LYS A 312 1.75 6.33 -8.51
C LYS A 312 0.39 6.88 -8.99
N GLY A 313 -0.41 6.05 -9.63
CA GLY A 313 -1.69 6.52 -10.17
C GLY A 313 -1.56 7.49 -11.34
N THR A 314 -0.53 7.31 -12.19
CA THR A 314 -0.38 8.15 -13.38
C THR A 314 -0.46 7.32 -14.69
N TYR A 315 -0.33 6.01 -14.60
CA TYR A 315 -0.25 5.16 -15.82
C TYR A 315 -1.57 5.12 -16.56
N ALA A 316 -1.50 5.18 -17.89
CA ALA A 316 -2.67 4.92 -18.75
C ALA A 316 -2.21 4.28 -20.06
N MET A 317 -3.02 3.35 -20.55
CA MET A 317 -2.64 2.57 -21.74
C MET A 317 -3.89 1.85 -22.26
N VAL A 318 -3.88 1.42 -23.51
CA VAL A 318 -5.02 0.67 -24.06
C VAL A 318 -4.56 -0.76 -24.28
N GLY A 319 -5.34 -1.73 -23.78
CA GLY A 319 -4.90 -3.12 -23.83
C GLY A 319 -5.87 -3.93 -24.68
N TYR A 320 -6.11 -5.18 -24.27
CA TYR A 320 -6.70 -6.16 -25.17
C TYR A 320 -8.11 -5.76 -25.54
N SER A 321 -8.40 -5.88 -26.82
CA SER A 321 -9.69 -5.50 -27.39
C SER A 321 -9.98 -4.02 -27.33
N GLY A 322 -8.93 -3.20 -27.19
CA GLY A 322 -9.11 -1.75 -27.12
C GLY A 322 -9.69 -1.18 -25.83
N THR A 323 -9.60 -1.95 -24.75
CA THR A 323 -9.97 -1.46 -23.40
C THR A 323 -8.98 -0.46 -22.86
N ALA A 324 -9.46 0.73 -22.56
CA ALA A 324 -8.56 1.73 -21.99
C ALA A 324 -8.44 1.45 -20.48
N TYR A 325 -7.21 1.36 -19.99
CA TYR A 325 -6.93 1.18 -18.55
C TYR A 325 -6.20 2.41 -18.01
N ASP A 326 -6.95 3.31 -17.37
CA ASP A 326 -6.39 4.57 -16.86
C ASP A 326 -6.26 4.49 -15.34
N PHE A 327 -5.05 4.30 -14.84
CA PHE A 327 -4.80 4.19 -13.40
C PHE A 327 -4.82 5.52 -12.59
N SER A 328 -5.22 6.62 -13.24
CA SER A 328 -5.23 7.95 -12.64
C SER A 328 -6.66 8.30 -12.25
N GLY A 329 -7.65 7.72 -12.95
CA GLY A 329 -9.04 8.12 -12.79
C GLY A 329 -9.41 9.42 -13.49
N THR A 330 -8.46 10.10 -14.14
CA THR A 330 -8.74 11.43 -14.68
C THR A 330 -9.51 11.38 -16.01
N MET A 331 -9.34 10.31 -16.78
CA MET A 331 -10.16 10.10 -17.99
C MET A 331 -11.65 10.19 -17.73
N ALA A 332 -12.15 9.43 -16.74
CA ALA A 332 -13.57 9.51 -16.35
C ALA A 332 -13.94 10.92 -15.89
N LYS A 333 -13.01 11.63 -15.27
CA LYS A 333 -13.29 12.99 -14.83
C LYS A 333 -13.47 13.89 -16.05
N ALA A 334 -12.57 13.75 -17.00
CA ALA A 334 -12.63 14.58 -18.20
C ALA A 334 -13.95 14.26 -18.93
N ALA A 335 -14.25 12.97 -19.11
CA ALA A 335 -15.44 12.61 -19.85
C ALA A 335 -16.64 13.32 -19.20
N ALA A 336 -16.73 13.25 -17.86
CA ALA A 336 -17.84 13.88 -17.16
C ALA A 336 -17.84 15.39 -17.34
N GLU A 337 -16.66 15.98 -17.38
CA GLU A 337 -16.59 17.42 -17.23
C GLU A 337 -16.73 18.10 -18.59
N SER A 338 -16.11 17.54 -19.62
CA SER A 338 -16.20 18.20 -20.91
C SER A 338 -16.36 17.26 -22.09
N GLY A 339 -16.66 15.99 -21.82
CA GLY A 339 -16.76 15.02 -22.90
C GLY A 339 -15.42 14.44 -23.33
N TYR A 340 -15.43 13.13 -23.51
CA TYR A 340 -14.26 12.39 -23.96
C TYR A 340 -14.77 11.07 -24.52
N PRO A 341 -15.12 11.07 -25.83
CA PRO A 341 -15.95 10.03 -26.42
C PRO A 341 -15.24 8.69 -26.54
N GLN A 342 -13.93 8.68 -26.40
CA GLN A 342 -13.23 7.41 -26.31
C GLN A 342 -13.33 6.68 -24.96
N TYR A 343 -13.87 7.35 -23.96
CA TYR A 343 -14.11 6.68 -22.68
C TYR A 343 -15.52 6.11 -22.69
N ARG A 344 -15.63 4.81 -22.52
CA ARG A 344 -16.94 4.15 -22.52
C ARG A 344 -17.21 3.49 -21.19
N GLU A 345 -17.98 4.17 -20.36
CA GLU A 345 -18.40 3.60 -19.09
C GLU A 345 -18.78 2.16 -19.24
N GLY A 346 -18.20 1.31 -18.39
CA GLY A 346 -18.66 -0.06 -18.20
C GLY A 346 -17.85 -1.00 -19.06
N LYS A 347 -17.02 -0.44 -19.91
CA LYS A 347 -16.08 -1.21 -20.69
C LYS A 347 -14.66 -0.70 -20.42
N ASP A 348 -14.44 0.59 -20.61
CA ASP A 348 -13.12 1.15 -20.23
C ASP A 348 -13.05 1.30 -18.70
N VAL A 349 -11.85 1.14 -18.14
CA VAL A 349 -11.57 1.36 -16.70
C VAL A 349 -10.77 2.63 -16.41
N SER A 350 -11.36 3.55 -15.65
CA SER A 350 -10.67 4.76 -15.25
C SER A 350 -10.88 4.97 -13.75
N GLU A 351 -9.92 4.53 -12.94
CA GLU A 351 -10.07 4.63 -11.47
C GLU A 351 -8.71 4.94 -10.88
N ARG A 352 -8.65 5.94 -10.00
CA ARG A 352 -7.39 6.33 -9.37
C ARG A 352 -6.92 5.24 -8.37
N VAL A 353 -5.74 4.70 -8.61
CA VAL A 353 -5.10 3.84 -7.67
C VAL A 353 -4.80 4.58 -6.36
N THR A 354 -5.23 3.99 -5.26
CA THR A 354 -5.00 4.62 -3.97
C THR A 354 -4.02 3.73 -3.24
N LEU A 355 -2.78 4.18 -3.23
CA LEU A 355 -1.74 3.37 -2.66
C LEU A 355 -1.64 3.62 -1.16
N PRO A 356 -1.45 2.56 -0.35
CA PRO A 356 -1.54 2.83 1.07
C PRO A 356 -0.20 3.21 1.72
N VAL A 357 0.86 3.30 0.93
CA VAL A 357 2.10 3.95 1.36
C VAL A 357 2.40 5.09 0.39
N SER A 358 3.44 5.87 0.71
CA SER A 358 3.92 6.86 -0.19
C SER A 358 4.62 6.15 -1.35
N ILE A 359 4.56 6.73 -2.54
CA ILE A 359 5.23 6.14 -3.69
C ILE A 359 6.74 6.27 -3.45
N GLY A 360 7.13 7.12 -2.51
CA GLY A 360 8.53 7.27 -2.17
C GLY A 360 9.01 6.20 -1.23
N ASN A 361 8.14 5.29 -0.82
CA ASN A 361 8.55 4.25 0.14
C ASN A 361 9.12 2.99 -0.60
N CYS A 362 10.36 3.07 -1.08
CA CYS A 362 10.95 2.07 -1.98
C CYS A 362 10.98 0.68 -1.34
N GLN A 363 11.20 0.64 -0.01
CA GLN A 363 11.32 -0.63 0.75
C GLN A 363 10.04 -1.47 0.76
N SER A 364 8.92 -0.87 0.32
CA SER A 364 7.70 -1.56 0.17
C SER A 364 7.86 -2.63 -0.88
N CYS A 365 8.68 -2.33 -1.89
CA CYS A 365 8.82 -3.20 -3.07
C CYS A 365 10.26 -3.67 -3.35
N HIS A 366 11.25 -2.94 -2.85
CA HIS A 366 12.68 -3.27 -3.06
C HIS A 366 13.37 -3.63 -1.70
N SER A 367 13.99 -4.80 -1.60
CA SER A 367 14.54 -5.30 -0.32
C SER A 367 15.84 -4.64 -0.06
N THR A 368 16.03 -4.24 1.19
CA THR A 368 17.27 -3.63 1.67
C THR A 368 17.82 -4.48 2.84
N ASP A 369 17.10 -5.54 3.24
CA ASP A 369 17.49 -6.35 4.39
C ASP A 369 18.21 -7.65 4.04
N ASP A 370 18.54 -7.84 2.76
CA ASP A 370 19.31 -9.01 2.30
C ASP A 370 18.59 -10.31 2.54
N LYS A 371 17.28 -10.29 2.42
CA LYS A 371 16.47 -11.47 2.56
C LYS A 371 15.58 -11.59 1.34
N GLY A 372 15.77 -10.69 0.38
CA GLY A 372 15.13 -10.81 -0.94
C GLY A 372 16.12 -11.21 -2.04
N PRO A 373 15.76 -10.90 -3.30
CA PRO A 373 16.65 -11.13 -4.46
C PRO A 373 18.10 -10.74 -4.16
N VAL A 374 19.07 -11.52 -4.66
CA VAL A 374 20.48 -11.15 -4.52
C VAL A 374 20.84 -9.85 -5.26
N ASP A 375 20.08 -9.52 -6.32
CA ASP A 375 20.32 -8.26 -7.07
C ASP A 375 19.37 -7.14 -6.63
N ALA A 376 18.85 -7.24 -5.40
CA ALA A 376 17.88 -6.28 -4.86
C ALA A 376 18.38 -4.85 -5.01
N ALA A 377 19.68 -4.65 -4.88
CA ALA A 377 20.20 -3.28 -4.96
C ALA A 377 20.10 -2.64 -6.37
N SER A 378 19.61 -3.38 -7.34
CA SER A 378 19.35 -2.80 -8.65
C SER A 378 18.64 -1.42 -8.65
N PHE A 379 17.76 -1.19 -7.64
CA PHE A 379 17.01 0.06 -7.54
C PHE A 379 17.86 1.28 -7.26
N LYS A 380 19.09 1.08 -6.81
CA LYS A 380 20.00 2.22 -6.55
C LYS A 380 20.73 2.77 -7.79
N HIS A 381 20.60 2.05 -8.91
CA HIS A 381 21.34 2.41 -10.13
C HIS A 381 20.46 3.16 -11.14
N HIS A 382 20.96 4.26 -11.69
CA HIS A 382 20.22 4.97 -12.73
C HIS A 382 19.84 4.13 -14.00
N LYS A 383 18.65 4.43 -14.51
CA LYS A 383 18.11 3.76 -15.69
C LYS A 383 17.00 4.64 -16.15
N GLY A 384 17.14 5.16 -17.36
CA GLY A 384 16.31 6.26 -17.87
C GLY A 384 14.84 6.07 -17.59
N LEU A 385 14.29 4.95 -18.02
CA LEU A 385 12.86 4.76 -17.83
C LEU A 385 12.45 4.64 -16.37
N ALA A 386 13.29 4.04 -15.52
CA ALA A 386 12.94 3.89 -14.10
C ALA A 386 12.87 5.28 -13.44
N CYS A 387 13.95 6.05 -13.57
CA CYS A 387 14.05 7.37 -13.02
C CYS A 387 12.96 8.28 -13.54
N ALA A 388 12.63 8.14 -14.82
CA ALA A 388 11.63 8.97 -15.45
C ALA A 388 10.21 8.58 -15.01
N SER A 389 10.00 7.31 -14.68
CA SER A 389 8.66 6.84 -14.33
C SER A 389 8.04 7.53 -13.09
N CYS A 390 8.85 8.10 -12.22
CA CYS A 390 8.33 8.95 -11.18
C CYS A 390 8.53 10.45 -11.46
N HIS A 391 9.75 10.81 -11.81
CA HIS A 391 10.14 12.22 -11.85
C HIS A 391 9.65 12.93 -13.12
N MET A 392 9.25 12.16 -14.13
CA MET A 392 8.88 12.80 -15.36
C MET A 392 7.46 12.53 -15.78
N SER A 393 6.57 12.35 -14.82
CA SER A 393 5.20 12.01 -15.15
C SER A 393 4.61 12.98 -16.15
N GLY A 394 4.00 12.45 -17.21
CA GLY A 394 3.25 13.30 -18.16
C GLY A 394 4.07 13.97 -19.27
N PHE A 395 5.40 13.84 -19.23
CA PHE A 395 6.28 14.49 -20.24
C PHE A 395 6.60 13.48 -21.31
N ASN A 396 6.89 13.97 -22.50
CA ASN A 396 7.30 13.04 -23.58
C ASN A 396 8.11 13.82 -24.62
N PRO A 397 8.93 13.13 -25.40
CA PRO A 397 9.85 13.82 -26.27
C PRO A 397 9.17 14.53 -27.45
N VAL A 398 7.86 14.40 -27.61
CA VAL A 398 7.14 15.16 -28.61
C VAL A 398 6.59 16.48 -28.07
N ASP A 399 5.84 16.42 -26.97
CA ASP A 399 5.35 17.65 -26.35
C ASP A 399 6.40 18.40 -25.54
N ASN A 400 7.49 17.74 -25.19
CA ASN A 400 8.61 18.41 -24.50
C ASN A 400 9.90 18.30 -25.30
N SER A 401 9.79 18.50 -26.62
CA SER A 401 10.90 18.34 -27.59
C SER A 401 12.11 19.25 -27.36
N GLU A 402 11.93 20.42 -26.75
CA GLU A 402 13.07 21.22 -26.31
C GLU A 402 14.10 20.42 -25.50
N TRP A 403 13.68 19.45 -24.69
CA TRP A 403 14.65 18.82 -23.79
C TRP A 403 15.50 17.83 -24.51
N LEU A 404 15.18 17.59 -25.79
CA LEU A 404 16.05 16.77 -26.64
C LEU A 404 17.39 17.46 -27.00
N THR A 405 17.46 18.77 -26.77
CA THR A 405 18.68 19.52 -27.03
C THR A 405 19.22 20.08 -25.73
N PRO A 406 20.47 19.74 -25.38
CA PRO A 406 21.02 20.26 -24.12
C PRO A 406 21.19 21.77 -24.20
N PRO A 407 21.47 22.42 -23.07
CA PRO A 407 21.73 23.87 -23.12
C PRO A 407 23.03 24.15 -23.89
N GLU A 408 23.23 25.39 -24.32
CA GLU A 408 24.39 25.72 -25.19
C GLU A 408 25.71 25.23 -24.59
N GLY A 409 26.37 24.34 -25.33
CA GLY A 409 27.73 23.94 -25.02
C GLY A 409 27.80 22.94 -23.89
N GLN A 410 26.68 22.24 -23.68
CA GLN A 410 26.64 21.11 -22.75
C GLN A 410 26.42 19.83 -23.52
N LYS A 411 26.86 18.71 -22.95
CA LYS A 411 26.65 17.39 -23.54
C LYS A 411 25.18 16.92 -23.59
N ASP A 412 24.85 16.20 -24.67
CA ASP A 412 23.53 15.62 -24.88
C ASP A 412 23.49 14.27 -24.17
N ARG A 413 22.53 14.12 -23.24
CA ARG A 413 22.41 12.88 -22.50
C ARG A 413 21.09 12.20 -22.79
N GLY A 414 20.42 12.63 -23.86
CA GLY A 414 19.14 12.03 -24.18
C GLY A 414 18.01 12.76 -23.46
N PHE A 415 16.78 12.37 -23.78
CA PHE A 415 15.61 13.03 -23.23
C PHE A 415 15.63 13.00 -21.68
N VAL A 416 15.82 11.84 -21.09
CA VAL A 416 15.72 11.73 -19.64
C VAL A 416 16.95 12.35 -18.96
N GLY A 417 18.13 11.97 -19.42
CA GLY A 417 19.37 12.62 -19.00
C GLY A 417 19.30 14.12 -18.98
N ASN A 418 18.79 14.70 -20.06
CA ASN A 418 18.80 16.14 -20.14
C ASN A 418 17.82 16.73 -19.09
N TYR A 419 16.73 16.00 -18.82
CA TYR A 419 15.81 16.47 -17.79
C TYR A 419 16.49 16.45 -16.43
N PHE A 420 17.13 15.33 -16.10
CA PHE A 420 17.79 15.22 -14.79
C PHE A 420 18.95 16.18 -14.63
N HIS A 421 19.70 16.43 -15.72
CA HIS A 421 20.89 17.26 -15.68
C HIS A 421 20.56 18.74 -15.81
N TYR A 422 19.60 19.08 -16.69
CA TYR A 422 19.40 20.48 -17.06
C TYR A 422 18.06 21.09 -16.80
N TYR A 423 16.98 20.38 -17.05
CA TYR A 423 15.67 21.06 -17.25
C TYR A 423 14.59 20.90 -16.15
N ALA A 424 14.71 19.83 -15.36
CA ALA A 424 13.86 19.59 -14.20
C ALA A 424 13.76 20.83 -13.31
N THR A 425 12.55 21.13 -12.80
CA THR A 425 12.40 22.10 -11.71
C THR A 425 11.41 21.52 -10.67
N PRO A 426 11.45 22.09 -9.43
CA PRO A 426 10.53 21.71 -8.35
C PRO A 426 9.07 21.93 -8.75
N GLU A 427 8.83 22.89 -9.62
CA GLU A 427 7.44 23.21 -9.95
C GLU A 427 6.84 22.20 -10.92
N ILE A 428 7.68 21.48 -11.66
CA ILE A 428 7.15 20.61 -12.69
C ILE A 428 7.43 19.15 -12.43
N ASP A 429 8.29 18.84 -11.47
CA ASP A 429 8.75 17.47 -11.32
C ASP A 429 7.58 16.59 -10.96
N GLY A 430 7.69 15.30 -11.31
CA GLY A 430 6.68 14.31 -10.98
C GLY A 430 6.56 14.09 -9.48
N ILE A 431 7.58 14.51 -8.72
CA ILE A 431 7.50 14.54 -7.25
C ILE A 431 7.60 16.02 -6.80
N PRO A 432 6.48 16.63 -6.44
CA PRO A 432 6.60 18.08 -6.37
C PRO A 432 7.61 18.53 -5.30
N GLY A 433 8.33 19.61 -5.57
CA GLY A 433 9.34 20.10 -4.61
C GLY A 433 10.72 19.50 -4.82
N VAL A 434 10.81 18.39 -5.55
CA VAL A 434 12.12 17.80 -5.81
C VAL A 434 12.96 18.72 -6.74
N ASN A 435 14.25 18.84 -6.47
CA ASN A 435 15.12 19.66 -7.34
C ASN A 435 16.31 18.88 -7.91
N LEU A 436 16.07 18.14 -9.00
CA LEU A 436 17.11 17.27 -9.52
C LEU A 436 18.32 18.07 -10.03
N VAL A 437 18.06 19.24 -10.63
CA VAL A 437 19.11 20.02 -11.29
C VAL A 437 20.06 20.61 -10.25
N HIS A 438 19.51 20.96 -9.10
CA HIS A 438 20.35 21.38 -7.99
C HIS A 438 21.29 20.28 -7.48
N VAL A 439 20.82 19.05 -7.51
CA VAL A 439 21.69 17.93 -7.20
C VAL A 439 22.75 17.72 -8.31
N PHE A 440 22.36 17.98 -9.55
CA PHE A 440 23.31 17.87 -10.64
C PHE A 440 24.39 18.92 -10.44
N GLN A 441 24.00 20.12 -10.04
CA GLN A 441 24.90 21.27 -10.02
C GLN A 441 25.74 21.27 -8.73
N ASN A 442 25.13 20.75 -7.65
CA ASN A 442 25.66 20.93 -6.31
C ASN A 442 25.91 19.69 -5.49
N GLY A 443 25.52 18.51 -5.97
CA GLY A 443 25.56 17.38 -5.06
C GLY A 443 26.52 16.28 -5.47
N GLY A 444 27.27 16.52 -6.56
CA GLY A 444 28.16 15.54 -7.16
C GLY A 444 27.50 14.38 -7.88
N CYS A 445 28.21 13.80 -8.86
CA CYS A 445 27.67 12.77 -9.75
C CYS A 445 27.27 11.52 -9.05
N ALA A 446 27.99 11.21 -7.98
CA ALA A 446 27.76 9.91 -7.32
C ALA A 446 26.39 9.95 -6.61
N SER A 447 25.76 11.13 -6.57
CA SER A 447 24.34 11.26 -6.19
C SER A 447 23.36 10.47 -7.05
N CYS A 448 23.63 10.31 -8.36
CA CYS A 448 22.82 9.41 -9.19
C CYS A 448 23.54 8.26 -9.90
N HIS A 449 24.82 8.47 -10.20
CA HIS A 449 25.60 7.49 -10.95
C HIS A 449 26.39 6.68 -9.92
N ALA A 450 26.02 5.42 -9.71
CA ALA A 450 26.61 4.59 -8.65
C ALA A 450 27.42 3.40 -9.19
N GLU A 451 28.62 3.20 -8.65
CA GLU A 451 29.35 1.94 -8.87
C GLU A 451 28.69 0.85 -8.03
N GLN A 452 28.95 -0.39 -8.36
CA GLN A 452 28.41 -1.48 -7.57
C GLN A 452 28.74 -1.36 -6.09
N GLY A 453 27.73 -1.59 -5.24
CA GLY A 453 27.86 -1.43 -3.79
C GLY A 453 27.85 0.00 -3.29
N GLU A 454 27.80 0.98 -4.19
CA GLU A 454 27.52 2.37 -3.76
C GLU A 454 25.99 2.63 -3.67
N GLU A 455 25.60 3.76 -3.10
CA GLU A 455 24.17 4.04 -2.79
C GLU A 455 23.40 4.83 -3.87
N GLY A 456 24.12 5.64 -4.65
CA GLY A 456 23.51 6.39 -5.73
C GLY A 456 22.35 7.20 -5.15
N SER A 457 21.21 7.20 -5.84
CA SER A 457 20.15 8.09 -5.47
C SER A 457 19.40 7.56 -4.23
N ALA A 458 19.71 6.33 -3.84
CA ALA A 458 19.16 5.72 -2.62
C ALA A 458 19.51 6.56 -1.40
N LYS A 459 20.57 7.34 -1.54
CA LYS A 459 20.98 8.23 -0.46
C LYS A 459 19.93 9.31 -0.22
N TYR A 460 19.31 9.77 -1.31
CA TYR A 460 18.19 10.68 -1.21
C TYR A 460 16.89 9.95 -0.91
N HIS A 461 16.64 8.83 -1.58
CA HIS A 461 15.34 8.16 -1.43
C HIS A 461 15.04 7.59 -0.01
N LEU A 462 16.06 7.10 0.68
CA LEU A 462 15.90 6.36 1.93
C LEU A 462 16.30 7.20 3.12
N ALA A 463 16.77 8.42 2.86
CA ALA A 463 17.26 9.26 3.91
C ALA A 463 16.26 9.48 5.07
N LYS A 464 15.02 9.93 4.78
CA LYS A 464 14.03 10.18 5.86
C LYS A 464 13.60 8.91 6.59
N ALA A 465 13.42 7.81 5.84
CA ALA A 465 13.04 6.56 6.44
C ALA A 465 14.15 6.11 7.39
N ASN A 466 15.41 6.32 7.01
CA ASN A 466 16.51 5.80 7.82
C ASN A 466 16.65 6.64 9.09
N ALA A 467 16.64 7.96 8.93
CA ALA A 467 16.76 8.84 10.05
C ALA A 467 15.58 8.68 10.98
N THR A 468 14.41 8.34 10.45
CA THR A 468 13.22 8.12 11.26
C THR A 468 13.41 6.98 12.25
N LYS A 469 13.95 5.86 11.76
CA LYS A 469 14.30 4.73 12.61
C LYS A 469 15.28 5.11 13.72
N LEU A 470 16.34 5.83 13.38
CA LEU A 470 17.35 6.18 14.38
C LEU A 470 16.81 7.09 15.44
N LEU A 471 16.01 8.07 15.03
CA LEU A 471 15.44 9.02 15.98
C LEU A 471 14.37 8.38 16.93
N ARG A 472 13.59 7.46 16.41
CA ARG A 472 12.64 6.72 17.22
C ARG A 472 13.39 5.92 18.28
N THR A 473 14.55 5.37 17.94
CA THR A 473 15.35 4.62 18.91
C THR A 473 15.98 5.56 19.90
N GLU A 474 16.58 6.64 19.43
CA GLU A 474 17.22 7.56 20.33
C GLU A 474 16.27 8.29 21.30
N TYR A 475 15.07 8.66 20.83
CA TYR A 475 14.13 9.37 21.68
C TYR A 475 13.09 8.42 22.37
N ALA A 476 13.29 7.12 22.27
CA ALA A 476 12.40 6.17 22.92
C ALA A 476 12.15 6.57 24.42
N TYR A 477 10.94 6.39 24.90
CA TYR A 477 10.61 6.77 26.26
C TYR A 477 9.56 5.81 26.76
N LYS A 478 9.36 5.82 28.07
CA LYS A 478 8.35 4.96 28.67
C LYS A 478 7.37 5.78 29.48
N LEU A 479 6.08 5.52 29.36
CA LEU A 479 5.16 6.17 30.31
C LEU A 479 4.92 5.20 31.49
N GLU A 480 5.20 5.64 32.70
CA GLU A 480 4.72 4.93 33.90
C GLU A 480 3.23 5.21 34.14
N ASN A 481 2.60 4.37 34.98
CA ASN A 481 1.19 4.51 35.31
C ASN A 481 0.94 5.77 36.08
N GLY A 482 -0.21 6.36 35.81
CA GLY A 482 -0.59 7.56 36.51
C GLY A 482 -1.44 7.26 37.73
N THR A 483 -1.35 8.15 38.73
CA THR A 483 -2.19 8.08 39.90
C THR A 483 -3.18 9.21 39.77
N PHE A 484 -4.45 8.87 39.67
CA PHE A 484 -5.51 9.88 39.52
C PHE A 484 -6.24 10.09 40.87
N ASP A 485 -5.98 11.21 41.52
CA ASP A 485 -6.74 11.60 42.71
C ASP A 485 -7.99 12.34 42.22
N VAL A 486 -9.12 11.64 42.16
CA VAL A 486 -10.30 12.19 41.45
C VAL A 486 -10.92 13.37 42.19
N ALA A 487 -11.11 13.23 43.50
CA ALA A 487 -11.69 14.32 44.30
C ALA A 487 -10.82 15.61 44.18
N LYS A 488 -9.49 15.44 44.14
CA LYS A 488 -8.56 16.59 43.97
C LYS A 488 -8.48 17.09 42.50
N GLY A 489 -8.86 16.25 41.54
CA GLY A 489 -8.70 16.59 40.12
C GLY A 489 -7.25 16.60 39.64
N GLU A 490 -6.44 15.70 40.19
CA GLU A 490 -5.00 15.72 39.97
C GLU A 490 -4.45 14.38 39.48
N LEU A 491 -3.74 14.43 38.37
CA LEU A 491 -3.14 13.21 37.82
C LEU A 491 -1.61 13.38 37.86
N THR A 492 -0.93 12.44 38.49
CA THR A 492 0.52 12.44 38.58
C THR A 492 1.05 11.22 37.79
N PHE A 493 2.04 11.46 36.93
CA PHE A 493 2.68 10.32 36.22
C PHE A 493 4.08 10.70 35.82
N THR A 494 4.92 9.70 35.58
CA THR A 494 6.34 9.93 35.39
C THR A 494 6.67 9.45 34.00
N VAL A 495 7.44 10.23 33.26
CA VAL A 495 7.98 9.76 31.97
C VAL A 495 9.45 9.35 32.15
N ASN A 496 9.82 8.14 31.70
CA ASN A 496 11.23 7.78 31.62
C ASN A 496 11.77 8.26 30.29
N TRP A 497 12.42 9.42 30.33
CA TRP A 497 12.90 10.14 29.15
C TRP A 497 14.31 9.63 28.81
N HIS A 498 14.82 9.92 27.60
CA HIS A 498 16.08 9.34 27.11
C HIS A 498 17.33 9.99 27.73
N SER A 499 17.17 11.15 28.33
CA SER A 499 18.33 11.87 28.85
C SER A 499 17.86 12.85 29.90
N ASP A 500 18.80 13.61 30.46
CA ASP A 500 18.43 14.55 31.49
C ASP A 500 18.07 15.90 30.92
N VAL A 501 17.95 15.99 29.61
CA VAL A 501 17.40 17.19 29.00
C VAL A 501 15.91 16.94 28.73
N ALA A 502 15.08 17.53 29.56
CA ALA A 502 13.67 17.28 29.56
C ALA A 502 12.96 17.78 28.25
N PRO A 503 11.78 17.23 27.96
CA PRO A 503 11.10 17.55 26.69
C PRO A 503 10.97 19.06 26.50
N HIS A 504 10.70 19.80 27.57
CA HIS A 504 10.48 21.22 27.40
C HIS A 504 11.80 22.00 27.30
N GLN A 505 12.93 21.34 27.54
CA GLN A 505 14.23 22.02 27.49
C GLN A 505 14.93 21.72 26.15
N ASP A 506 14.38 20.79 25.39
CA ASP A 506 15.03 20.30 24.16
C ASP A 506 14.36 20.96 22.95
N PRO A 507 15.08 21.85 22.26
CA PRO A 507 14.47 22.59 21.14
C PRO A 507 14.26 21.77 19.88
N LYS A 508 14.66 20.49 19.91
CA LYS A 508 14.41 19.57 18.80
C LYS A 508 13.08 18.82 18.94
N VAL A 509 12.47 18.96 20.13
CA VAL A 509 11.16 18.41 20.44
C VAL A 509 10.16 19.47 19.99
N LYS A 510 9.39 19.18 18.94
CA LYS A 510 8.37 20.10 18.56
C LYS A 510 7.20 20.13 19.58
N GLU A 511 6.67 18.97 19.96
CA GLU A 511 5.50 18.90 20.88
C GLU A 511 5.63 17.47 21.47
N PHE A 512 5.05 17.25 22.64
CA PHE A 512 5.06 15.89 23.22
C PHE A 512 3.71 15.68 23.86
N TRP A 513 2.82 15.09 23.08
CA TRP A 513 1.43 14.89 23.49
C TRP A 513 1.27 13.63 24.36
N VAL A 514 0.61 13.75 25.50
CA VAL A 514 0.14 12.55 26.16
C VAL A 514 -1.39 12.68 26.27
N SER A 515 -2.12 11.67 25.78
CA SER A 515 -3.57 11.65 25.89
C SER A 515 -4.08 10.63 26.90
N LEU A 516 -5.01 11.03 27.75
CA LEU A 516 -5.62 10.03 28.60
C LEU A 516 -7.08 9.87 28.21
N THR A 517 -7.54 8.61 28.22
CA THR A 517 -8.90 8.29 27.84
C THR A 517 -9.51 7.35 28.88
N ALA A 518 -10.70 7.71 29.36
CA ALA A 518 -11.42 6.88 30.32
C ALA A 518 -11.76 5.52 29.64
N PHE A 519 -11.64 4.43 30.41
CA PHE A 519 -12.09 3.15 29.88
C PHE A 519 -12.78 2.35 30.96
N ASN A 520 -14.08 2.09 30.76
CA ASN A 520 -14.92 1.49 31.77
C ASN A 520 -14.76 -0.03 31.87
N GLY A 521 -13.85 -0.62 31.11
CA GLY A 521 -13.67 -2.05 31.19
C GLY A 521 -14.48 -2.84 30.18
N THR A 522 -15.44 -2.20 29.55
CA THR A 522 -16.21 -2.88 28.48
C THR A 522 -15.88 -2.31 27.08
N GLU A 523 -16.09 -1.00 26.88
CA GLU A 523 -15.71 -0.33 25.63
C GLU A 523 -15.66 1.21 25.78
N TYR A 524 -14.77 1.85 25.02
CA TYR A 524 -14.79 3.32 24.93
C TYR A 524 -16.11 3.84 24.41
N THR A 525 -16.52 4.99 24.93
CA THR A 525 -17.66 5.75 24.44
C THR A 525 -17.26 7.23 24.45
N MET A 526 -17.25 7.88 23.28
CA MET A 526 -16.96 9.32 23.22
C MET A 526 -18.01 10.13 24.00
N GLY A 527 -19.29 9.92 23.69
CA GLY A 527 -20.37 10.67 24.36
C GLY A 527 -20.60 12.05 23.75
N PRO A 528 -21.63 12.77 24.24
CA PRO A 528 -22.07 14.02 23.62
C PRO A 528 -20.97 15.03 23.74
N ARG A 529 -21.02 16.06 22.92
CA ARG A 529 -20.01 17.08 22.97
C ARG A 529 -20.35 18.05 24.09
N PRO A 530 -19.41 18.31 25.01
CA PRO A 530 -19.71 19.24 26.08
C PRO A 530 -19.41 20.69 25.66
N SER A 531 -19.70 21.65 26.52
CA SER A 531 -19.05 22.97 26.40
C SER A 531 -17.53 22.86 26.66
N ASN A 532 -16.77 23.90 26.27
CA ASN A 532 -15.30 23.86 26.33
C ASN A 532 -14.84 23.87 27.78
N GLY A 533 -13.73 23.18 28.05
CA GLY A 533 -13.09 23.28 29.38
C GLY A 533 -11.66 23.70 29.19
N THR A 534 -10.97 23.94 30.29
CA THR A 534 -9.60 24.40 30.22
C THR A 534 -8.68 23.39 29.53
N LEU A 535 -8.87 22.10 29.79
CA LEU A 535 -7.95 21.10 29.26
C LEU A 535 -8.48 20.40 27.99
N GLY A 536 -9.73 20.66 27.62
CA GLY A 536 -10.30 19.99 26.44
C GLY A 536 -11.81 20.02 26.43
N ARG A 537 -12.37 19.49 25.35
CA ARG A 537 -13.80 19.59 25.14
C ARG A 537 -14.32 18.17 24.85
N SER A 538 -13.79 17.18 25.55
CA SER A 538 -14.36 15.83 25.42
C SER A 538 -14.70 15.26 26.81
N GLU A 539 -15.67 14.34 26.83
CA GLU A 539 -16.12 13.67 28.07
C GLU A 539 -15.13 12.61 28.48
N ASN A 540 -14.45 12.00 27.51
CA ASN A 540 -13.64 10.82 27.80
C ASN A 540 -12.14 10.95 27.47
N ARG A 541 -11.69 12.10 26.95
CA ARG A 541 -10.26 12.26 26.53
C ARG A 541 -9.65 13.62 26.86
N ILE A 542 -8.41 13.62 27.34
CA ILE A 542 -7.66 14.88 27.46
C ILE A 542 -6.31 14.65 26.80
N SER A 543 -5.84 15.61 25.98
CA SER A 543 -4.51 15.54 25.46
C SER A 543 -3.75 16.75 25.98
N VAL A 544 -2.52 16.52 26.47
CA VAL A 544 -1.74 17.61 27.05
C VAL A 544 -0.33 17.60 26.44
N ASN A 545 0.15 18.79 26.00
CA ASN A 545 1.47 18.95 25.42
C ASN A 545 2.46 19.17 26.56
N LEU A 546 3.20 18.12 26.88
CA LEU A 546 4.19 18.17 27.96
C LEU A 546 5.37 19.07 27.62
N ALA A 547 5.54 19.44 26.33
CA ALA A 547 6.69 20.28 25.93
C ALA A 547 6.43 21.76 26.32
N LYS A 548 5.20 22.09 26.69
CA LYS A 548 4.87 23.46 27.04
C LYS A 548 4.51 23.62 28.52
N VAL A 549 5.26 22.97 29.40
CA VAL A 549 5.00 23.02 30.84
C VAL A 549 5.08 24.42 31.44
N GLU A 550 6.04 25.22 30.98
CA GLU A 550 6.33 26.54 31.56
C GLU A 550 5.17 27.53 31.40
N THR A 551 4.40 27.40 30.32
CA THR A 551 3.28 28.29 30.09
C THR A 551 1.92 27.61 30.31
N ASN A 552 1.89 26.39 30.84
CA ASN A 552 0.60 25.77 31.15
C ASN A 552 0.36 25.83 32.69
N ALA A 553 -0.61 26.61 33.14
CA ALA A 553 -0.84 26.78 34.59
C ALA A 553 -1.38 25.50 35.24
N ASN A 554 -1.80 24.54 34.43
CA ASN A 554 -2.35 23.30 34.97
C ASN A 554 -1.33 22.17 35.06
N LEU A 555 -0.07 22.48 34.69
CA LEU A 555 0.91 21.41 34.46
C LEU A 555 2.18 21.81 35.10
N THR A 556 2.75 20.85 35.83
CA THR A 556 4.01 21.01 36.54
C THR A 556 4.89 19.81 36.19
N ALA A 557 6.21 20.01 36.14
CA ALA A 557 7.19 18.98 35.76
C ALA A 557 8.37 19.02 36.77
N VAL A 558 8.74 17.89 37.34
CA VAL A 558 9.79 17.86 38.35
C VAL A 558 10.81 16.82 37.89
N PRO A 559 12.00 17.27 37.46
CA PRO A 559 12.91 16.30 36.84
C PRO A 559 13.65 15.59 37.95
N ASN A 560 13.95 14.32 37.72
CA ASN A 560 14.82 13.54 38.60
C ASN A 560 15.76 12.68 37.72
N GLY A 561 16.91 13.27 37.36
CA GLY A 561 17.77 12.75 36.29
C GLY A 561 17.03 12.67 34.96
N SER A 562 16.85 11.46 34.48
CA SER A 562 16.14 11.20 33.24
C SER A 562 14.63 11.11 33.45
N LYS A 563 14.20 10.86 34.66
CA LYS A 563 12.78 10.67 34.92
C LYS A 563 12.12 12.03 35.16
N VAL A 564 11.07 12.35 34.41
CA VAL A 564 10.29 13.56 34.67
C VAL A 564 8.88 13.26 35.17
N THR A 565 8.57 13.76 36.35
CA THR A 565 7.24 13.59 36.93
C THR A 565 6.37 14.83 36.68
N TYR A 566 5.19 14.58 36.13
CA TYR A 566 4.28 15.63 35.72
C TYR A 566 3.05 15.53 36.60
N THR A 567 2.53 16.69 36.97
CA THR A 567 1.31 16.76 37.75
C THR A 567 0.36 17.66 36.97
N LEU A 568 -0.73 17.08 36.52
CA LEU A 568 -1.76 17.81 35.80
C LEU A 568 -2.93 18.03 36.76
N THR A 569 -3.41 19.27 36.86
CA THR A 569 -4.50 19.60 37.77
C THR A 569 -5.71 20.18 37.02
N GLY A 570 -6.83 20.38 37.72
CA GLY A 570 -8.03 20.95 37.11
C GLY A 570 -8.89 19.95 36.37
N ILE A 571 -8.65 18.65 36.59
CA ILE A 571 -9.55 17.62 36.09
C ILE A 571 -10.79 17.41 36.97
N LYS A 572 -11.78 18.29 36.81
CA LYS A 572 -12.96 18.33 37.68
C LYS A 572 -14.21 18.50 36.86
N ALA A 573 -15.27 17.84 37.31
CA ALA A 573 -16.47 17.73 36.52
C ALA A 573 -17.56 17.52 37.55
N VAL A 574 -18.66 18.25 37.39
CA VAL A 574 -19.83 17.99 38.22
C VAL A 574 -20.66 16.91 37.55
N ILE A 575 -20.76 15.74 38.17
CA ILE A 575 -21.45 14.60 37.56
C ILE A 575 -22.97 14.71 37.67
N GLY A 576 -23.66 14.84 36.54
CA GLY A 576 -25.13 14.73 36.48
C GLY A 576 -25.59 14.29 35.10
N THR A 577 -26.79 14.71 34.68
CA THR A 577 -27.31 14.37 33.34
C THR A 577 -26.60 15.12 32.19
N SER A 578 -26.15 16.34 32.46
CA SER A 578 -25.43 17.19 31.47
C SER A 578 -24.13 16.56 30.96
N SER A 579 -23.76 16.85 29.71
CA SER A 579 -22.42 16.58 29.20
C SER A 579 -21.48 17.67 29.66
N VAL A 580 -20.41 17.27 30.36
CA VAL A 580 -19.33 18.18 30.77
C VAL A 580 -17.93 17.57 30.45
N PRO A 581 -16.94 18.43 30.20
CA PRO A 581 -15.59 17.94 29.90
C PRO A 581 -15.12 17.01 31.04
N TYR A 582 -14.43 15.97 30.62
CA TYR A 582 -13.84 14.97 31.53
C TYR A 582 -14.90 14.19 32.28
N LYS A 583 -16.16 14.34 31.88
CA LYS A 583 -17.20 13.71 32.64
C LYS A 583 -16.90 12.20 32.91
N GLN A 584 -16.49 11.44 31.89
CA GLN A 584 -16.19 9.98 32.07
C GLN A 584 -14.88 9.75 32.76
N ILE A 585 -13.87 10.59 32.48
CA ILE A 585 -12.61 10.48 33.18
C ILE A 585 -12.90 10.54 34.69
N VAL A 586 -13.76 11.47 35.09
CA VAL A 586 -14.05 11.69 36.50
C VAL A 586 -14.95 10.56 37.03
N SER A 587 -16.01 10.22 36.32
CA SER A 587 -16.90 9.23 36.91
C SER A 587 -16.38 7.78 36.86
N ILE A 588 -15.51 7.44 35.89
CA ILE A 588 -14.90 6.10 35.82
C ILE A 588 -13.59 6.04 36.63
N GLY A 589 -12.80 7.12 36.53
CA GLY A 589 -11.63 7.30 37.36
C GLY A 589 -10.42 6.52 36.86
N LYS A 590 -10.53 5.94 35.68
CA LYS A 590 -9.40 5.14 35.22
C LYS A 590 -9.47 4.95 33.74
N GLY A 591 -8.35 4.54 33.17
CA GLY A 591 -8.23 4.32 31.73
C GLY A 591 -6.76 4.27 31.31
N PHE A 592 -6.44 4.79 30.13
CA PHE A 592 -5.14 4.59 29.51
C PHE A 592 -4.51 5.91 29.10
N MET A 593 -3.18 5.92 28.99
CA MET A 593 -2.42 7.07 28.55
C MET A 593 -1.50 6.65 27.41
N ASP A 594 -1.45 7.49 26.38
CA ASP A 594 -0.67 7.17 25.18
C ASP A 594 0.14 8.41 24.83
N GLY A 595 1.37 8.19 24.36
CA GLY A 595 2.27 9.30 24.04
C GLY A 595 2.39 9.47 22.52
N LYS A 596 2.54 10.73 22.07
CA LYS A 596 2.84 11.03 20.66
C LYS A 596 3.82 12.21 20.60
N LEU A 597 5.11 11.85 20.52
CA LEU A 597 6.20 12.82 20.56
C LEU A 597 6.60 13.18 19.12
N LEU A 598 6.66 14.48 18.82
CA LEU A 598 7.09 14.94 17.51
C LEU A 598 8.52 15.51 17.59
N ILE A 599 9.43 14.93 16.81
CA ILE A 599 10.82 15.40 16.78
C ILE A 599 11.09 16.09 15.43
N CYS A 600 11.72 17.25 15.44
CA CYS A 600 12.06 17.95 14.18
C CYS A 600 13.33 17.37 13.61
N ALA A 601 13.28 16.95 12.35
CA ALA A 601 14.46 16.39 11.69
C ALA A 601 14.87 17.22 10.47
N ASN A 602 16.15 17.14 10.08
CA ASN A 602 16.72 18.04 9.07
C ASN A 602 16.67 17.34 7.75
N SER A 603 15.85 17.82 6.82
CA SER A 603 15.74 17.10 5.54
C SER A 603 17.00 17.23 4.66
N ALA A 604 17.90 18.17 5.00
CA ALA A 604 19.17 18.33 4.25
C ALA A 604 20.33 17.49 4.79
N GLU A 605 20.12 16.82 5.93
CA GLU A 605 21.11 15.89 6.45
C GLU A 605 21.03 14.51 5.75
N LEU A 606 22.01 14.22 4.91
CA LEU A 606 21.95 13.00 4.12
C LEU A 606 22.96 11.97 4.57
N ASP A 607 23.89 12.39 5.41
CA ASP A 607 24.94 11.49 5.86
C ASP A 607 24.53 10.81 7.14
N PRO A 608 24.29 9.49 7.09
CA PRO A 608 23.66 8.77 8.21
C PRO A 608 24.53 8.70 9.47
N THR A 609 25.78 9.16 9.40
CA THR A 609 26.63 9.21 10.60
C THR A 609 26.51 10.55 11.33
N MET A 610 25.77 11.49 10.73
CA MET A 610 25.49 12.78 11.36
C MET A 610 24.16 12.74 12.16
N ASP A 611 23.95 13.78 12.96
CA ASP A 611 22.71 13.93 13.74
C ASP A 611 21.56 14.46 12.84
N ALA A 612 20.49 13.69 12.70
CA ALA A 612 19.32 14.12 11.91
C ALA A 612 18.44 15.18 12.59
N ALA A 613 18.40 15.14 13.93
CA ALA A 613 17.46 15.97 14.69
C ALA A 613 17.91 17.41 14.54
N ILE A 614 16.98 18.35 14.54
CA ILE A 614 17.39 19.75 14.41
C ILE A 614 16.48 20.67 15.23
N ASP A 615 16.98 21.81 15.69
CA ASP A 615 16.20 22.78 16.46
C ASP A 615 14.97 23.23 15.64
N CYS A 616 13.77 23.08 16.22
CA CYS A 616 12.53 23.29 15.46
C CYS A 616 12.36 24.71 14.89
N SER A 617 13.09 25.67 15.43
CA SER A 617 12.94 27.03 14.95
C SER A 617 14.01 27.36 13.90
N ASN A 618 14.78 26.38 13.48
CA ASN A 618 15.82 26.64 12.48
C ASN A 618 15.23 26.97 11.10
N THR A 619 15.85 27.92 10.39
CA THR A 619 15.29 28.49 9.16
C THR A 619 16.09 28.24 7.87
N GLU A 620 17.20 27.51 7.96
CA GLU A 620 17.98 27.25 6.76
C GLU A 620 17.33 26.09 6.01
N ALA A 621 16.88 25.11 6.79
CA ALA A 621 16.75 23.74 6.34
C ALA A 621 15.27 23.42 6.26
N PRO A 622 14.86 22.64 5.27
CA PRO A 622 13.47 22.21 5.40
C PRO A 622 13.39 21.15 6.50
N ILE A 623 12.38 21.27 7.33
CA ILE A 623 12.24 20.39 8.50
C ILE A 623 11.10 19.39 8.27
N TYR A 624 11.33 18.14 8.60
CA TYR A 624 10.24 17.19 8.64
C TYR A 624 10.15 16.59 10.07
N GLU A 625 9.03 15.95 10.38
CA GLU A 625 8.65 15.56 11.74
C GLU A 625 8.76 14.06 11.90
N VAL A 626 9.39 13.63 12.96
CA VAL A 626 9.47 12.22 13.23
C VAL A 626 8.56 11.92 14.42
N ILE A 627 7.70 10.90 14.28
CA ILE A 627 6.75 10.54 15.31
C ILE A 627 7.33 9.44 16.20
N VAL A 628 7.24 9.60 17.52
CA VAL A 628 7.62 8.52 18.46
C VAL A 628 6.52 8.20 19.47
N GLY A 629 5.94 7.02 19.31
CA GLY A 629 4.88 6.56 20.18
C GLY A 629 5.46 6.00 21.48
N SER A 630 4.62 5.27 22.23
CA SER A 630 5.00 4.77 23.54
C SER A 630 4.25 3.47 23.84
N ASN A 631 4.50 2.90 25.01
CA ASN A 631 3.61 1.91 25.62
C ASN A 631 2.32 2.59 25.99
N LYS A 632 1.26 1.81 26.11
CA LYS A 632 -0.02 2.32 26.56
C LYS A 632 -0.13 2.13 28.08
N ALA A 633 0.07 3.20 28.85
CA ALA A 633 0.12 3.05 30.30
C ALA A 633 -1.32 3.16 30.85
N SER A 634 -1.48 2.89 32.14
CA SER A 634 -2.81 2.99 32.78
C SER A 634 -2.77 4.26 33.63
N PHE A 635 -3.94 4.84 33.87
CA PHE A 635 -4.12 5.70 35.01
C PHE A 635 -5.27 5.15 35.86
N SER A 636 -5.17 5.31 37.20
CA SER A 636 -6.24 4.81 38.08
C SER A 636 -5.98 5.39 39.43
N ALA A 637 -6.92 5.21 40.35
CA ALA A 637 -6.79 5.77 41.70
C ALA A 637 -5.46 5.47 42.42
N ASP A 638 -4.85 4.28 42.23
CA ASP A 638 -3.57 3.99 42.88
C ASP A 638 -2.43 3.66 41.91
N ALA A 639 -2.64 3.92 40.61
CA ALA A 639 -1.64 3.68 39.59
C ALA A 639 -1.45 2.20 39.32
N SER A 640 -2.40 1.36 39.71
CA SER A 640 -2.33 -0.01 39.33
C SER A 640 -2.88 -0.14 37.90
N ASN A 641 -2.50 -1.23 37.24
CA ASN A 641 -2.83 -1.48 35.85
C ASN A 641 -4.32 -1.56 35.70
N VAL A 642 -4.81 -1.10 34.55
CA VAL A 642 -6.19 -1.31 34.15
C VAL A 642 -6.13 -2.42 33.10
N THR A 643 -6.97 -3.44 33.23
CA THR A 643 -6.88 -4.59 32.32
C THR A 643 -7.03 -4.10 30.86
N ALA A 644 -6.15 -4.57 29.98
CA ALA A 644 -6.15 -4.09 28.59
C ALA A 644 -7.43 -4.44 27.83
N ARG A 645 -7.89 -3.49 27.03
CA ARG A 645 -8.97 -3.76 26.08
C ARG A 645 -8.57 -4.98 25.21
N SER A 646 -9.53 -5.82 24.85
CA SER A 646 -9.22 -6.95 23.98
C SER A 646 -8.59 -6.54 22.66
N ILE A 647 -7.75 -7.39 22.11
CA ILE A 647 -7.15 -7.15 20.82
C ILE A 647 -7.92 -7.99 19.82
N VAL A 648 -8.53 -7.35 18.83
CA VAL A 648 -9.23 -8.10 17.80
C VAL A 648 -8.76 -7.95 16.36
N ILE A 649 -7.60 -7.31 16.17
CA ILE A 649 -6.95 -7.28 14.86
C ILE A 649 -5.48 -7.32 15.10
N SER A 650 -4.69 -7.41 14.03
CA SER A 650 -3.24 -7.53 14.14
C SER A 650 -2.54 -6.27 13.63
N GLU A 651 -1.73 -5.67 14.50
CA GLU A 651 -0.96 -4.48 14.19
C GLU A 651 -0.09 -4.76 12.97
N ALA A 652 0.60 -5.91 13.00
CA ALA A 652 1.52 -6.35 11.93
C ALA A 652 0.82 -6.45 10.58
N LYS A 653 -0.44 -6.87 10.61
CA LYS A 653 -1.16 -6.98 9.33
C LYS A 653 -1.52 -5.66 8.68
N CYS A 654 -1.95 -4.66 9.47
CA CYS A 654 -2.12 -3.27 8.97
C CYS A 654 -0.84 -2.78 8.36
N ALA A 655 0.25 -3.12 9.01
CA ALA A 655 1.55 -2.65 8.59
C ALA A 655 2.00 -3.34 7.31
N ASN A 656 1.50 -4.55 7.02
CA ASN A 656 1.84 -5.14 5.72
C ASN A 656 1.60 -4.13 4.58
N CYS A 657 0.41 -3.51 4.54
CA CYS A 657 0.07 -2.56 3.45
C CYS A 657 0.43 -1.11 3.75
N HIS A 658 0.28 -0.68 5.00
CA HIS A 658 0.48 0.71 5.35
C HIS A 658 1.93 0.97 5.77
N GLY A 659 2.76 -0.06 5.82
CA GLY A 659 4.12 0.07 6.36
C GLY A 659 4.09 0.19 7.88
N GLU A 660 5.26 0.11 8.48
CA GLU A 660 5.37 0.19 9.94
C GLU A 660 4.90 1.58 10.48
N LYS A 661 4.11 1.55 11.54
CA LYS A 661 3.78 2.73 12.30
C LYS A 661 3.25 3.84 11.42
N ALA A 662 2.26 3.53 10.57
CA ALA A 662 1.70 4.54 9.69
C ALA A 662 1.02 5.61 10.54
N ASP A 663 1.10 6.86 10.11
CA ASP A 663 0.44 8.00 10.76
C ASP A 663 -0.83 8.39 9.99
N PHE A 664 -1.86 8.81 10.72
CA PHE A 664 -3.18 9.09 10.14
C PHE A 664 -3.64 10.50 10.51
N SER A 665 -2.73 11.36 10.90
CA SER A 665 -3.11 12.76 11.05
C SER A 665 -3.77 13.31 9.80
N ALA A 666 -3.24 12.98 8.64
CA ALA A 666 -3.75 13.55 7.40
C ALA A 666 -5.17 13.06 7.13
N SER A 667 -5.59 11.96 7.78
CA SER A 667 -6.98 11.47 7.61
C SER A 667 -8.00 12.40 8.31
N HIS A 668 -7.48 13.31 9.14
CA HIS A 668 -8.28 14.24 9.94
C HIS A 668 -8.25 15.67 9.39
N ALA A 669 -7.89 15.80 8.10
CA ALA A 669 -7.73 17.11 7.43
C ALA A 669 -9.07 17.79 7.12
N LEU A 670 -10.18 17.08 7.08
CA LEU A 670 -11.40 17.76 6.61
C LEU A 670 -11.84 18.86 7.59
N THR A 671 -12.03 18.52 8.86
CA THR A 671 -12.86 19.35 9.75
C THR A 671 -12.04 19.81 10.92
N HIS A 672 -11.98 21.13 11.11
CA HIS A 672 -11.22 21.74 12.25
C HIS A 672 -9.82 21.18 12.43
N ALA A 673 -9.14 20.92 11.32
CA ALA A 673 -7.85 20.23 11.36
C ALA A 673 -6.74 21.05 12.00
N ALA A 674 -6.85 22.41 11.97
CA ALA A 674 -5.71 23.21 12.48
C ALA A 674 -5.87 23.48 13.96
N ASP A 675 -7.03 23.15 14.52
CA ASP A 675 -7.21 23.29 15.98
C ASP A 675 -6.31 22.26 16.74
N LYS A 676 -5.55 22.75 17.71
CA LYS A 676 -4.72 21.90 18.51
C LYS A 676 -5.52 20.95 19.41
N PRO A 677 -4.93 19.78 19.74
CA PRO A 677 -5.76 18.83 20.50
C PRO A 677 -5.95 19.18 21.99
N ASP A 678 -5.38 20.29 22.46
CA ASP A 678 -5.68 20.74 23.84
C ASP A 678 -6.66 21.91 23.85
N ASN A 679 -7.29 22.18 22.70
CA ASN A 679 -8.02 23.44 22.50
C ASN A 679 -9.38 23.19 21.84
N SER A 680 -10.45 23.09 22.67
CA SER A 680 -11.83 23.17 22.20
C SER A 680 -12.14 22.14 21.11
N CYS A 681 -12.54 22.57 19.90
CA CYS A 681 -12.89 21.62 18.78
C CYS A 681 -11.75 20.64 18.43
N GLY A 682 -10.52 21.14 18.51
CA GLY A 682 -9.35 20.30 18.22
C GLY A 682 -9.16 19.07 19.11
N THR A 683 -9.77 19.05 20.30
CA THR A 683 -9.66 17.87 21.23
C THR A 683 -9.97 16.61 20.43
N CYS A 684 -11.01 16.67 19.57
CA CYS A 684 -11.37 15.53 18.70
C CYS A 684 -10.96 15.67 17.24
N HIS A 685 -10.99 16.90 16.71
CA HIS A 685 -10.83 17.12 15.29
C HIS A 685 -9.40 17.31 14.79
N SER A 686 -8.45 17.51 15.70
CA SER A 686 -7.10 17.94 15.25
C SER A 686 -6.45 17.02 14.24
N ALA A 687 -5.72 17.65 13.31
CA ALA A 687 -4.75 16.94 12.46
C ALA A 687 -3.33 17.37 12.80
N VAL A 688 -3.18 18.22 13.82
CA VAL A 688 -1.86 18.84 14.05
C VAL A 688 -1.36 18.62 15.50
N PRO A 689 -1.09 17.36 15.88
CA PRO A 689 -1.43 16.14 15.15
C PRO A 689 -2.74 15.54 15.62
N ASN A 690 -3.20 14.52 14.89
CA ASN A 690 -4.10 13.56 15.53
C ASN A 690 -3.25 12.82 16.56
N THR A 691 -3.79 12.57 17.77
CA THR A 691 -2.94 12.19 18.90
C THR A 691 -2.83 10.66 19.13
N ALA A 692 -3.38 9.85 18.25
CA ALA A 692 -3.25 8.39 18.30
C ALA A 692 -2.07 7.91 17.48
N VAL A 693 -1.45 6.80 17.90
CA VAL A 693 -0.37 6.21 17.11
C VAL A 693 -0.71 4.79 16.63
N ALA A 694 -0.72 3.82 17.55
CA ALA A 694 -0.93 2.41 17.18
C ALA A 694 -2.34 2.09 16.71
N LEU A 695 -2.48 1.06 15.88
CA LEU A 695 -3.70 0.79 15.17
C LEU A 695 -4.53 -0.29 15.83
N ALA A 696 -3.87 -1.21 16.55
CA ALA A 696 -4.56 -2.45 16.97
C ALA A 696 -4.89 -2.46 18.47
N ASP A 697 -4.47 -1.44 19.20
CA ASP A 697 -4.53 -1.50 20.68
C ASP A 697 -5.63 -0.65 21.20
N GLY A 698 -6.49 -0.17 20.29
CA GLY A 698 -7.64 0.60 20.65
C GLY A 698 -7.40 2.10 20.74
N SER A 699 -6.19 2.58 20.44
CA SER A 699 -5.95 4.04 20.40
C SER A 699 -6.93 4.81 19.50
N CYS A 700 -7.23 4.28 18.31
CA CYS A 700 -8.22 4.96 17.44
C CYS A 700 -9.63 4.86 18.02
N VAL A 701 -9.92 3.74 18.70
CA VAL A 701 -11.30 3.43 19.19
C VAL A 701 -11.70 4.33 20.39
N ALA A 702 -10.71 4.95 21.04
CA ALA A 702 -10.98 5.98 22.05
C ALA A 702 -11.98 7.00 21.52
N CYS A 703 -11.80 7.40 20.27
CA CYS A 703 -12.84 8.26 19.63
C CYS A 703 -13.79 7.46 18.73
N HIS A 704 -13.23 6.64 17.85
CA HIS A 704 -14.04 5.95 16.84
C HIS A 704 -14.74 4.74 17.47
N ASN A 705 -15.86 5.00 18.13
CA ASN A 705 -16.55 3.96 18.89
C ASN A 705 -18.05 4.17 18.61
N GLY A 706 -18.93 3.59 19.44
CA GLY A 706 -20.31 3.52 19.07
C GLY A 706 -21.08 4.75 19.46
N ALA A 707 -20.40 5.74 20.08
CA ALA A 707 -21.10 6.94 20.54
C ALA A 707 -20.53 8.27 19.98
N PRO A 708 -20.48 8.43 18.64
CA PRO A 708 -19.91 9.71 18.15
C PRO A 708 -20.70 10.88 18.72
N ALA A 709 -20.03 12.00 18.99
CA ALA A 709 -20.64 13.11 19.76
C ALA A 709 -21.76 13.95 19.13
N HIS A 710 -21.57 14.44 17.91
CA HIS A 710 -22.50 15.45 17.33
C HIS A 710 -22.34 15.41 15.81
N SER A 711 -23.23 16.08 15.06
CA SER A 711 -23.19 16.09 13.58
C SER A 711 -22.98 14.69 13.05
N LYS A 712 -23.75 13.75 13.57
CA LYS A 712 -23.54 12.36 13.29
C LYS A 712 -23.78 11.99 11.85
N LYS A 713 -23.00 11.04 11.38
CA LYS A 713 -23.21 10.42 10.10
C LYS A 713 -24.12 9.21 10.23
N PRO A 714 -24.76 8.83 9.11
CA PRO A 714 -25.56 7.61 9.08
C PRO A 714 -24.65 6.38 8.99
N PHE A 715 -25.24 5.21 9.25
CA PHE A 715 -24.48 3.96 9.32
C PHE A 715 -23.59 3.75 8.07
N GLU A 716 -24.13 4.10 6.89
CA GLU A 716 -23.46 3.81 5.66
C GLU A 716 -22.21 4.67 5.42
N ARG A 717 -21.91 5.59 6.34
CA ARG A 717 -20.58 6.16 6.44
C ARG A 717 -20.23 6.41 7.92
N GLY A 718 -20.38 5.37 8.73
CA GLY A 718 -20.47 5.55 10.18
C GLY A 718 -19.08 5.73 10.78
N PHE A 719 -19.08 6.23 12.00
CA PHE A 719 -17.86 6.68 12.66
C PHE A 719 -17.13 5.59 13.44
N ASP A 720 -17.89 4.56 13.85
CA ASP A 720 -17.42 3.47 14.71
C ASP A 720 -16.32 2.73 14.01
N PHE A 721 -15.25 2.36 14.72
CA PHE A 721 -13.97 2.00 14.02
C PHE A 721 -14.12 0.79 13.09
N LYS A 722 -14.69 -0.30 13.61
CA LYS A 722 -14.89 -1.49 12.78
C LYS A 722 -15.76 -1.22 11.55
N VAL A 723 -16.82 -0.45 11.72
CA VAL A 723 -17.67 -0.05 10.62
C VAL A 723 -16.91 0.79 9.58
N MET A 724 -16.17 1.80 10.04
CA MET A 724 -15.41 2.66 9.13
C MET A 724 -14.39 1.87 8.37
N ILE A 725 -13.67 1.00 9.06
CA ILE A 725 -12.51 0.38 8.43
C ILE A 725 -13.03 -0.71 7.46
N HIS A 726 -14.08 -1.41 7.88
CA HIS A 726 -14.65 -2.43 6.99
C HIS A 726 -15.17 -1.69 5.74
N GLN A 727 -15.85 -0.55 5.90
CA GLN A 727 -16.48 0.10 4.73
C GLN A 727 -15.44 0.70 3.78
N ILE A 728 -14.37 1.30 4.32
CA ILE A 728 -13.31 1.83 3.43
C ILE A 728 -12.71 0.71 2.56
N HIS A 729 -12.30 -0.38 3.21
CA HIS A 729 -11.49 -1.32 2.51
C HIS A 729 -12.39 -2.23 1.66
N ALA A 730 -13.69 -2.26 1.90
CA ALA A 730 -14.57 -3.11 1.06
C ALA A 730 -15.32 -2.29 0.00
N ASP A 731 -15.00 -0.99 -0.08
N ASP A 731 -15.11 -0.97 0.03
CA ASP A 731 -15.74 0.00 -0.89
CA ASP A 731 -15.77 -0.09 -0.90
C ASP A 731 -17.25 -0.09 -0.68
C ASP A 731 -17.26 -0.03 -0.67
N THR A 732 -17.68 -0.09 0.58
CA THR A 732 -19.10 0.01 0.90
C THR A 732 -19.43 1.30 1.64
N ARG A 733 -18.46 2.20 1.76
CA ARG A 733 -18.69 3.49 2.43
C ARG A 733 -19.36 4.43 1.44
N SER A 734 -20.48 5.04 1.80
CA SER A 734 -21.18 5.80 0.79
C SER A 734 -20.36 7.02 0.37
N VAL A 735 -19.68 7.66 1.34
CA VAL A 735 -18.87 8.87 1.09
C VAL A 735 -17.59 8.81 1.94
N ARG A 736 -16.43 9.01 1.31
CA ARG A 736 -15.18 9.23 2.05
C ARG A 736 -14.95 10.75 2.25
N ARG A 737 -14.56 11.13 3.46
CA ARG A 737 -14.47 12.55 3.82
C ARG A 737 -13.56 13.40 2.91
N LEU A 738 -12.46 12.81 2.42
CA LEU A 738 -11.37 13.55 1.80
C LEU A 738 -11.17 13.26 0.30
N THR A 739 -11.91 12.32 -0.25
CA THR A 739 -11.74 11.99 -1.66
C THR A 739 -13.04 11.42 -2.22
N THR A 740 -13.31 11.67 -3.50
CA THR A 740 -14.40 11.01 -4.20
C THR A 740 -14.01 9.60 -4.71
N ASP A 741 -12.76 9.19 -4.57
CA ASP A 741 -12.29 7.90 -5.09
C ASP A 741 -12.38 6.78 -4.03
N ALA A 742 -13.04 5.68 -4.40
CA ALA A 742 -13.07 4.47 -3.57
C ALA A 742 -11.66 3.91 -3.38
N ALA A 743 -11.37 3.34 -2.21
CA ALA A 743 -10.08 2.65 -2.04
C ALA A 743 -9.97 1.56 -3.06
N THR A 744 -8.78 1.41 -3.64
CA THR A 744 -8.52 0.25 -4.51
C THR A 744 -7.79 -0.79 -3.69
N PHE A 745 -8.55 -1.67 -3.04
CA PHE A 745 -7.95 -2.55 -2.03
C PHE A 745 -7.29 -3.71 -2.78
N PRO A 746 -5.99 -3.98 -2.56
CA PRO A 746 -5.28 -5.01 -3.35
C PRO A 746 -5.46 -6.45 -2.89
N GLU A 747 -6.24 -6.63 -1.83
CA GLU A 747 -6.56 -7.97 -1.32
C GLU A 747 -8.01 -8.19 -1.58
N ASN A 748 -8.53 -9.33 -1.12
CA ASN A 748 -9.96 -9.58 -1.08
C ASN A 748 -10.51 -9.11 0.27
N PRO A 749 -11.42 -8.12 0.27
CA PRO A 749 -11.84 -7.67 1.59
C PRO A 749 -12.54 -8.75 2.42
N ALA A 750 -13.08 -9.79 1.75
CA ALA A 750 -13.76 -10.88 2.46
C ALA A 750 -12.74 -11.87 2.93
N ASN A 751 -11.48 -11.62 2.61
CA ASN A 751 -10.40 -12.30 3.27
C ASN A 751 -10.07 -11.70 4.65
N CYS A 752 -10.81 -12.16 5.64
CA CYS A 752 -10.77 -11.62 6.95
C CYS A 752 -9.35 -11.65 7.47
N ALA A 753 -8.58 -12.66 7.06
CA ALA A 753 -7.20 -12.82 7.52
C ALA A 753 -6.22 -11.76 7.03
N ALA A 754 -6.63 -10.91 6.09
CA ALA A 754 -5.83 -9.71 5.78
C ALA A 754 -5.55 -8.77 7.00
N CYS A 755 -6.46 -8.79 7.98
CA CYS A 755 -6.43 -7.86 9.11
C CYS A 755 -6.55 -8.59 10.44
N HIS A 756 -7.30 -9.71 10.47
CA HIS A 756 -7.61 -10.44 11.70
C HIS A 756 -6.72 -11.68 11.79
N ASP A 757 -6.23 -11.98 12.98
CA ASP A 757 -5.53 -13.23 13.23
C ASP A 757 -6.50 -14.35 13.60
N LYS A 758 -6.06 -15.59 13.48
CA LYS A 758 -6.90 -16.72 13.90
C LYS A 758 -7.23 -16.61 15.41
N GLY A 759 -8.48 -16.88 15.77
CA GLY A 759 -8.82 -16.78 17.18
C GLY A 759 -9.38 -15.41 17.61
N GLN A 760 -9.20 -14.37 16.79
CA GLN A 760 -9.66 -13.02 17.15
C GLN A 760 -11.14 -12.80 16.85
N LEU A 761 -11.76 -13.66 16.06
CA LEU A 761 -13.17 -13.53 15.74
C LEU A 761 -14.05 -14.66 16.36
N SER A 762 -13.86 -14.95 17.64
CA SER A 762 -14.80 -15.86 18.33
C SER A 762 -16.17 -15.24 18.47
N LEU A 763 -16.27 -13.90 18.43
CA LEU A 763 -17.51 -13.13 18.68
C LEU A 763 -18.17 -13.34 20.04
N ALA A 764 -17.47 -13.98 20.97
CA ALA A 764 -18.08 -14.44 22.23
C ALA A 764 -18.61 -13.29 23.08
N THR A 765 -17.82 -12.23 23.24
CA THR A 765 -18.29 -11.12 24.06
C THR A 765 -18.82 -9.94 23.24
N LEU A 766 -18.81 -10.04 21.91
CA LEU A 766 -19.09 -8.89 21.09
C LEU A 766 -20.47 -8.35 21.40
N GLY A 767 -21.40 -9.25 21.74
CA GLY A 767 -22.78 -8.86 21.95
C GLY A 767 -22.92 -8.15 23.27
N ASN A 768 -21.91 -8.23 24.13
CA ASN A 768 -21.93 -7.47 25.38
C ASN A 768 -21.53 -5.98 25.28
N LYS A 769 -21.12 -5.52 24.09
CA LYS A 769 -20.69 -4.11 23.92
C LYS A 769 -21.90 -3.21 23.75
N PRO A 770 -21.72 -1.91 23.94
CA PRO A 770 -22.73 -0.93 23.62
C PRO A 770 -23.01 -0.91 22.12
N ALA A 771 -24.26 -0.68 21.76
CA ALA A 771 -24.67 -0.50 20.38
C ALA A 771 -24.00 0.77 19.74
N PHE A 772 -23.90 0.82 18.43
CA PHE A 772 -23.42 1.98 17.68
C PHE A 772 -24.60 2.89 17.34
N LEU A 773 -24.71 4.02 18.03
CA LEU A 773 -25.74 5.01 17.75
C LEU A 773 -25.27 5.99 16.62
N ALA A 774 -25.72 5.71 15.39
CA ALA A 774 -25.47 6.58 14.23
C ALA A 774 -26.51 7.69 14.17
N SER A 775 -26.51 8.49 13.09
CA SER A 775 -27.35 9.66 13.07
C SER A 775 -28.81 9.33 13.27
N THR A 776 -29.25 8.21 12.67
CA THR A 776 -30.70 7.93 12.53
C THR A 776 -31.20 6.92 13.56
N GLY A 777 -30.28 6.15 14.16
CA GLY A 777 -30.70 5.05 15.01
C GLY A 777 -29.49 4.22 15.34
N GLU A 778 -29.71 3.19 16.14
CA GLU A 778 -28.64 2.43 16.69
C GLU A 778 -28.59 1.02 16.11
N TYR A 779 -27.42 0.39 16.20
CA TYR A 779 -27.14 -0.88 15.57
C TYR A 779 -26.35 -1.67 16.61
N SER A 780 -26.77 -2.89 16.92
CA SER A 780 -26.09 -3.69 17.93
C SER A 780 -24.76 -4.16 17.43
N PRO A 781 -23.86 -4.56 18.35
CA PRO A 781 -22.44 -4.64 18.04
C PRO A 781 -22.07 -5.62 16.92
N THR A 782 -22.61 -6.83 16.96
CA THR A 782 -22.30 -7.82 15.89
C THR A 782 -22.99 -7.40 14.60
N VAL A 783 -24.18 -6.87 14.70
CA VAL A 783 -24.88 -6.34 13.54
C VAL A 783 -24.03 -5.24 12.86
N ALA A 784 -23.48 -4.31 13.64
CA ALA A 784 -22.72 -3.18 13.10
C ALA A 784 -21.50 -3.78 12.41
N ALA A 785 -20.84 -4.72 13.06
CA ALA A 785 -19.70 -5.37 12.45
C ALA A 785 -20.03 -6.00 11.09
N CYS A 786 -21.08 -6.81 11.01
CA CYS A 786 -21.34 -7.57 9.76
C CYS A 786 -22.05 -6.69 8.75
N ALA A 787 -23.00 -5.88 9.20
CA ALA A 787 -23.75 -5.09 8.26
C ALA A 787 -22.90 -3.95 7.61
N SER A 788 -21.72 -3.67 8.14
CA SER A 788 -20.81 -2.68 7.50
C SER A 788 -20.44 -3.08 6.05
N CYS A 789 -20.31 -4.41 5.80
CA CYS A 789 -20.35 -4.93 4.41
C CYS A 789 -21.72 -5.41 3.88
N HIS A 790 -22.54 -6.02 4.74
CA HIS A 790 -23.58 -6.92 4.27
C HIS A 790 -24.91 -6.14 4.13
N ALA A 791 -25.03 -4.97 4.76
CA ALA A 791 -26.29 -4.26 4.79
C ALA A 791 -26.14 -2.81 5.24
N THR A 792 -25.53 -1.99 4.39
CA THR A 792 -25.25 -0.62 4.82
C THR A 792 -26.51 0.21 4.87
N THR A 793 -27.55 -0.27 4.17
CA THR A 793 -28.91 0.21 4.35
C THR A 793 -29.88 -0.97 4.28
N ALA A 794 -31.12 -0.74 4.73
CA ALA A 794 -32.18 -1.77 4.74
C ALA A 794 -32.73 -2.03 3.34
N THR A 795 -31.87 -2.44 2.43
CA THR A 795 -32.24 -2.82 1.07
C THR A 795 -32.92 -4.20 1.04
N ASP A 796 -32.33 -5.16 1.74
CA ASP A 796 -32.75 -6.55 1.69
C ASP A 796 -33.35 -6.93 3.04
N SER A 797 -34.68 -6.93 3.13
CA SER A 797 -35.33 -6.99 4.43
C SER A 797 -35.32 -8.40 5.02
N ALA A 798 -34.92 -9.39 4.22
CA ALA A 798 -34.60 -10.72 4.74
C ALA A 798 -33.35 -10.75 5.59
N VAL A 799 -32.32 -10.05 5.14
CA VAL A 799 -31.09 -9.90 5.95
C VAL A 799 -31.41 -9.13 7.24
N ILE A 800 -32.10 -8.01 7.13
CA ILE A 800 -32.42 -7.25 8.32
C ILE A 800 -33.23 -8.13 9.30
N GLY A 801 -34.22 -8.86 8.79
CA GLY A 801 -35.06 -9.72 9.62
C GLY A 801 -34.26 -10.85 10.22
N HIS A 802 -33.27 -11.36 9.49
CA HIS A 802 -32.35 -12.33 10.10
C HIS A 802 -31.68 -11.71 11.32
N PHE A 803 -31.33 -10.41 11.24
CA PHE A 803 -30.67 -9.74 12.37
C PHE A 803 -31.67 -9.68 13.52
N GLU A 804 -32.87 -9.17 13.24
CA GLU A 804 -33.84 -8.94 14.30
C GLU A 804 -34.38 -10.23 14.97
N THR A 805 -34.32 -11.34 14.24
CA THR A 805 -34.73 -12.67 14.75
C THR A 805 -33.75 -13.23 15.77
N ASN A 806 -32.47 -12.85 15.65
CA ASN A 806 -31.45 -13.45 16.49
C ASN A 806 -30.86 -12.53 17.55
N GLY A 807 -31.66 -11.56 18.01
CA GLY A 807 -31.30 -10.72 19.16
C GLY A 807 -30.71 -9.37 18.78
N GLY A 808 -30.67 -9.11 17.47
CA GLY A 808 -29.95 -7.97 16.90
C GLY A 808 -30.89 -6.79 16.69
N VAL A 809 -30.33 -5.58 16.67
CA VAL A 809 -31.09 -4.37 16.44
C VAL A 809 -30.45 -3.56 15.28
N TYR A 810 -31.29 -3.01 14.40
CA TYR A 810 -30.77 -2.38 13.20
C TYR A 810 -31.49 -1.09 12.97
N ASN A 811 -30.78 0.04 13.15
CA ASN A 811 -31.40 1.33 13.01
C ASN A 811 -32.63 1.53 13.91
N ALA A 812 -32.56 0.97 15.13
CA ALA A 812 -33.62 1.13 16.12
C ALA A 812 -33.47 2.45 16.88
N ALA A 813 -34.50 2.85 17.63
CA ALA A 813 -34.41 4.03 18.48
C ALA A 813 -33.31 3.85 19.51
N ALA A 814 -32.69 4.95 19.91
CA ALA A 814 -31.64 4.91 20.93
C ALA A 814 -32.17 4.19 22.14
N GLY A 815 -31.42 3.20 22.59
CA GLY A 815 -31.61 2.62 23.91
C GLY A 815 -32.35 1.30 23.81
N THR A 816 -32.70 0.91 22.59
CA THR A 816 -33.42 -0.34 22.35
C THR A 816 -32.62 -1.59 22.68
N TYR A 817 -31.35 -1.63 22.29
CA TYR A 817 -30.55 -2.84 22.47
C TYR A 817 -30.15 -3.07 23.93
N THR A 818 -30.22 -4.32 24.38
CA THR A 818 -29.71 -4.70 25.69
C THR A 818 -28.51 -5.60 25.50
N PRO A 819 -27.35 -5.20 26.03
CA PRO A 819 -26.18 -6.02 25.87
C PRO A 819 -26.48 -7.41 26.35
N GLY A 820 -25.99 -8.41 25.65
CA GLY A 820 -26.31 -9.78 25.99
C GLY A 820 -27.32 -10.41 25.04
N SER A 821 -28.13 -9.59 24.34
CA SER A 821 -29.25 -10.13 23.57
C SER A 821 -28.90 -10.76 22.23
N GLU A 822 -27.76 -10.41 21.65
CA GLU A 822 -27.35 -11.00 20.36
C GLU A 822 -26.92 -12.42 20.60
N THR A 823 -27.35 -13.33 19.71
CA THR A 823 -26.93 -14.74 19.78
C THR A 823 -26.15 -15.18 18.54
N CYS A 824 -25.50 -14.22 17.89
CA CYS A 824 -24.75 -14.44 16.66
C CYS A 824 -23.61 -15.42 16.85
N ALA A 825 -22.92 -15.35 17.97
CA ALA A 825 -21.71 -16.18 18.14
C ALA A 825 -21.92 -17.70 18.00
N THR A 826 -23.12 -18.18 18.35
CA THR A 826 -23.38 -19.62 18.41
C THR A 826 -23.21 -20.24 17.01
N CYS A 827 -23.65 -19.50 16.00
CA CYS A 827 -23.54 -19.93 14.61
C CYS A 827 -22.40 -19.32 13.78
N HIS A 828 -21.92 -18.13 14.13
CA HIS A 828 -21.02 -17.38 13.21
C HIS A 828 -19.61 -17.19 13.82
N GLY A 829 -19.47 -17.40 15.11
CA GLY A 829 -18.12 -17.34 15.70
C GLY A 829 -17.20 -18.31 14.97
N GLU A 830 -15.89 -18.14 15.08
CA GLU A 830 -14.97 -18.98 14.29
C GLU A 830 -15.15 -20.45 14.68
N GLY A 831 -15.33 -21.32 13.71
CA GLY A 831 -15.27 -22.78 13.96
C GLY A 831 -16.65 -23.37 14.19
N LYS A 832 -17.63 -22.49 14.39
CA LYS A 832 -19.03 -22.88 14.44
C LYS A 832 -19.57 -23.25 13.08
N SER A 833 -20.87 -23.56 13.06
CA SER A 833 -21.56 -24.11 11.91
C SER A 833 -21.51 -23.20 10.69
N PHE A 834 -21.75 -21.91 10.88
CA PHE A 834 -21.56 -20.93 9.81
C PHE A 834 -20.49 -19.91 10.21
N GLY A 835 -19.34 -20.44 10.64
CA GLY A 835 -18.28 -19.65 11.23
C GLY A 835 -17.72 -18.65 10.21
N VAL A 836 -17.46 -17.43 10.67
CA VAL A 836 -16.87 -16.41 9.77
C VAL A 836 -15.65 -16.92 9.02
N ASP A 837 -14.90 -17.87 9.60
CA ASP A 837 -13.77 -18.53 8.89
C ASP A 837 -14.09 -19.61 7.83
N LYS A 838 -15.32 -20.08 7.78
CA LYS A 838 -15.69 -21.18 6.89
C LYS A 838 -16.41 -20.55 5.69
N VAL A 839 -17.14 -19.47 5.96
CA VAL A 839 -18.09 -18.86 5.02
C VAL A 839 -17.49 -17.75 4.12
N HIS A 840 -16.29 -17.28 4.46
CA HIS A 840 -15.63 -16.21 3.74
C HIS A 840 -14.37 -16.83 3.14
N PRO A 841 -13.84 -16.26 2.04
CA PRO A 841 -12.59 -16.80 1.51
C PRO A 841 -11.31 -16.39 2.27
N VAL A 842 -11.17 -16.86 3.50
CA VAL A 842 -9.99 -16.55 4.30
C VAL A 842 -8.74 -17.34 3.89
N LYS A 843 -7.57 -16.72 4.05
CA LYS A 843 -6.30 -17.40 3.99
C LYS A 843 -5.36 -17.05 5.16
N TYR A 844 -5.42 -17.86 6.21
CA TYR A 844 -4.56 -17.75 7.39
C TYR A 844 -3.24 -18.43 7.14
FE HEC B . -26.57 -15.34 10.54
CHA HEC B . -26.54 -15.55 7.08
CHB HEC B . -25.25 -12.27 10.45
CHC HEC B . -27.21 -14.95 13.95
CHD HEC B . -27.13 -18.61 10.75
NA HEC B . -26.00 -14.17 9.04
C1A HEC B . -26.01 -14.43 7.69
C2A HEC B . -25.47 -13.28 7.01
C3A HEC B . -25.12 -12.38 7.94
C4A HEC B . -25.44 -12.92 9.23
CMA HEC B . -24.45 -10.99 7.69
CAA HEC B . -25.34 -13.17 5.47
CBA HEC B . -26.61 -12.48 5.02
CGA HEC B . -26.45 -12.19 3.57
O1A HEC B . -27.04 -12.94 2.74
O2A HEC B . -25.74 -11.21 3.23
NB HEC B . -26.27 -13.86 12.01
C1B HEC B . -25.82 -12.61 11.67
C2B HEC B . -26.10 -11.74 12.81
C3B HEC B . -26.58 -12.49 13.82
C4B HEC B . -26.74 -13.83 13.30
CMB HEC B . -25.64 -10.26 12.89
CAB HEC B . -26.98 -11.97 15.23
CBB HEC B . -28.08 -10.91 15.10
NC HEC B . -27.08 -16.53 12.07
C1C HEC B . -27.30 -16.21 13.38
C2C HEC B . -27.62 -17.44 14.08
C3C HEC B . -27.66 -18.44 13.19
C4C HEC B . -27.28 -17.88 11.91
CMC HEC B . -28.02 -17.46 15.59
CAC HEC B . -27.98 -19.97 13.36
CBC HEC B . -29.18 -20.26 14.30
ND HEC B . -26.79 -16.86 9.08
C1D HEC B . -27.07 -18.15 9.47
C2D HEC B . -27.23 -18.97 8.30
C3D HEC B . -27.09 -18.02 7.12
C4D HEC B . -26.81 -16.73 7.72
CMD HEC B . -27.55 -20.49 8.34
CAD HEC B . -27.18 -18.35 5.61
CBD HEC B . -25.90 -19.10 5.20
CGD HEC B . -25.78 -19.28 3.70
O1D HEC B . -26.82 -19.04 3.00
O2D HEC B . -24.65 -19.63 3.21
FE HEC C . -13.00 -6.97 10.72
CHA HEC C . -13.55 -5.65 13.93
CHB HEC C . -15.43 -9.31 11.32
CHC HEC C . -12.43 -8.36 7.61
CHD HEC C . -10.62 -4.56 10.15
NA HEC C . -14.22 -7.36 12.29
C1A HEC C . -14.27 -6.75 13.53
C2A HEC C . -15.28 -7.39 14.32
C3A HEC C . -15.82 -8.38 13.60
C4A HEC C . -15.15 -8.40 12.33
CMA HEC C . -16.92 -9.36 14.04
CAA HEC C . -15.62 -7.05 15.79
CBA HEC C . -14.77 -8.10 16.53
CGA HEC C . -14.81 -7.84 18.03
O1A HEC C . -14.73 -6.65 18.49
O2A HEC C . -15.02 -8.83 18.79
NB HEC C . -13.77 -8.55 9.68
C1B HEC C . -14.72 -9.43 10.14
C2B HEC C . -15.01 -10.38 9.10
C3B HEC C . -14.16 -10.16 8.09
C4B HEC C . -13.35 -9.00 8.43
CMB HEC C . -15.97 -11.59 9.27
CAB HEC C . -14.04 -10.93 6.75
CBB HEC C . -15.36 -10.97 5.97
NC HEC C . -11.77 -6.57 9.22
C1C HEC C . -11.68 -7.25 8.01
C2C HEC C . -10.61 -6.67 7.21
C3C HEC C . -10.12 -5.62 7.90
C4C HEC C . -10.80 -5.57 9.20
CMC HEC C . -10.22 -7.13 5.79
CAC HEC C . -8.91 -4.74 7.47
CBC HEC C . -9.07 -3.93 6.17
ND HEC C . -12.21 -5.31 11.88
C1D HEC C . -11.31 -4.41 11.36
C2D HEC C . -11.02 -3.42 12.39
C3D HEC C . -11.98 -3.73 13.51
C4D HEC C . -12.64 -4.95 13.14
CMD HEC C . -10.15 -2.16 12.28
CAD HEC C . -12.13 -3.00 14.85
CBD HEC C . -10.87 -3.37 15.65
CGD HEC C . -10.96 -2.94 17.09
O1D HEC C . -12.09 -2.63 17.53
O2D HEC C . -9.91 -2.83 17.80
FE HEC D . -5.94 0.25 5.20
CHA HEC D . -7.07 3.05 3.64
CHB HEC D . -6.55 1.69 8.23
CHC HEC D . -5.15 -2.75 6.76
CHD HEC D . -4.90 -1.06 2.20
NA HEC D . -6.65 2.01 5.80
C1A HEC D . -7.04 3.07 5.01
C2A HEC D . -7.61 4.11 5.83
C3A HEC D . -7.51 3.69 7.08
C4A HEC D . -6.88 2.41 7.11
CMA HEC D . -7.84 4.52 8.34
CAA HEC D . -8.19 5.48 5.39
CBA HEC D . -7.11 6.58 5.13
CGA HEC D . -7.89 7.83 4.72
O1A HEC D . -7.53 8.93 5.21
O2A HEC D . -9.00 7.75 4.09
NB HEC D . -5.88 -0.41 7.14
C1B HEC D . -6.18 0.35 8.23
C2B HEC D . -6.16 -0.52 9.37
C3B HEC D . -5.80 -1.76 8.98
C4B HEC D . -5.57 -1.70 7.56
CMB HEC D . -6.38 -0.01 10.80
CAB HEC D . -5.50 -2.98 9.88
CBB HEC D . -6.74 -3.49 10.62
NC HEC D . -5.14 -1.51 4.61
C1C HEC D . -4.85 -2.63 5.41
C2C HEC D . -4.48 -3.75 4.55
C3C HEC D . -4.32 -3.25 3.33
C4C HEC D . -4.83 -1.88 3.32
CMC HEC D . -3.95 -5.10 5.15
CAC HEC D . -3.72 -3.94 2.04
CBC HEC D . -4.38 -5.27 1.73
ND HEC D . -6.03 0.87 3.21
C1D HEC D . -5.53 0.17 2.14
C2D HEC D . -5.68 0.99 0.96
C3D HEC D . -6.38 2.25 1.41
C4D HEC D . -6.54 2.09 2.82
CMD HEC D . -5.37 0.61 -0.52
CAD HEC D . -6.76 3.47 0.57
CBD HEC D . -5.61 4.46 0.76
CGD HEC D . -5.94 5.83 0.20
O1D HEC D . -4.99 6.63 -0.02
O2D HEC D . -7.13 6.15 -0.02
FE HEC E . -17.18 18.01 15.75
CHA HEC E . -18.42 16.20 13.08
CHB HEC E . -17.68 20.89 13.97
CHC HEC E . -16.10 19.86 18.46
CHD HEC E . -16.66 15.11 17.54
NA HEC E . -17.84 18.46 13.83
C1A HEC E . -18.33 17.55 12.91
C2A HEC E . -18.76 18.30 11.74
C3A HEC E . -18.59 19.60 11.99
C4A HEC E . -18.05 19.71 13.33
CMA HEC E . -18.83 20.81 11.00
CAA HEC E . -19.34 17.66 10.46
CBA HEC E . -18.19 17.46 9.45
CGA HEC E . -17.58 16.07 9.61
O1A HEC E . -16.33 15.96 9.52
O2A HEC E . -18.32 15.05 9.86
NB HEC E . -16.93 19.93 16.14
C1B HEC E . -17.22 20.99 15.26
C2B HEC E . -17.01 22.24 15.93
C3B HEC E . -16.58 21.97 17.18
C4B HEC E . -16.54 20.53 17.34
CMB HEC E . -17.20 23.65 15.32
CAB HEC E . -16.13 23.00 18.26
CBB HEC E . -17.27 24.02 18.58
NC HEC E . -16.52 17.57 17.64
C1C HEC E . -16.10 18.47 18.58
C2C HEC E . -15.59 17.72 19.71
C3C HEC E . -15.81 16.42 19.50
C4C HEC E . -16.36 16.31 18.17
CMC HEC E . -15.02 18.44 20.98
CAC HEC E . -15.45 15.17 20.39
CBC HEC E . -16.10 15.24 21.84
ND HEC E . -17.50 15.97 15.38
C1D HEC E . -17.13 14.95 16.25
C2D HEC E . -17.46 13.68 15.68
C3D HEC E . -17.92 14.00 14.27
C4D HEC E . -18.00 15.45 14.20
CMD HEC E . -17.20 12.26 16.25
CAD HEC E . -18.28 12.96 13.20
CBD HEC E . -19.64 12.32 13.51
CGD HEC E . -19.84 11.06 12.69
O1D HEC E . -20.82 10.33 12.98
O2D HEC E . -19.04 10.76 11.74
FE HEC F . -10.16 9.57 13.37
CHA HEC F . -12.22 10.90 10.99
CHB HEC F . -8.87 7.40 10.98
CHC HEC F . -8.07 8.28 15.70
CHD HEC F . -11.42 11.70 15.73
NA HEC F . -10.44 9.21 11.45
C1A HEC F . -11.40 9.84 10.66
C2A HEC F . -11.40 9.25 9.34
C3A HEC F . -10.44 8.33 9.30
C4A HEC F . -9.86 8.26 10.63
CMA HEC F . -9.99 7.43 8.09
CAA HEC F . -12.32 9.78 8.18
CBA HEC F . -12.74 8.58 7.37
CGA HEC F . -13.90 8.89 6.43
O1A HEC F . -14.95 9.44 6.87
O2A HEC F . -13.75 8.52 5.22
NB HEC F . -8.83 8.13 13.36
C1B HEC F . -8.42 7.33 12.27
C2B HEC F . -7.46 6.37 12.71
C3B HEC F . -7.19 6.66 13.98
C4B HEC F . -8.08 7.72 14.43
CMB HEC F . -6.83 5.22 11.84
CAB HEC F . -6.18 5.90 14.88
CBB HEC F . -4.72 6.11 14.42
NC HEC F . -9.82 9.93 15.28
C1C HEC F . -8.92 9.27 16.11
C2C HEC F . -8.97 9.85 17.45
C3C HEC F . -9.84 10.87 17.39
C4C HEC F . -10.40 10.88 16.08
CMC HEC F . -8.05 9.38 18.62
CAC HEC F . -10.42 11.82 18.48
CBC HEC F . -9.28 12.44 19.35
ND HEC F . -11.55 11.05 13.37
C1D HEC F . -11.90 11.81 14.47
C2D HEC F . -12.87 12.78 14.09
C3D HEC F . -13.03 12.65 12.60
C4D HEC F . -12.26 11.50 12.25
CMD HEC F . -13.48 13.86 14.98
CAD HEC F . -14.05 13.52 11.78
CBD HEC F . -13.36 14.17 10.58
CGD HEC F . -12.29 15.20 10.93
O1D HEC F . -11.56 15.66 9.98
O2D HEC F . -12.18 15.60 12.13
FE HEC G . 0.71 -3.58 -6.68
CHA HEC G . -2.08 -2.80 -8.60
CHB HEC G . 2.00 -5.24 -9.34
CHC HEC G . 3.57 -4.38 -4.81
CHD HEC G . -0.53 -2.07 -4.04
NA HEC G . 0.05 -3.92 -8.61
C1A HEC G . -1.11 -3.52 -9.22
C2A HEC G . -1.09 -3.96 -10.59
C3A HEC G . 0.05 -4.61 -10.79
C4A HEC G . 0.78 -4.65 -9.55
CMA HEC G . 0.48 -5.25 -12.13
CAA HEC G . -2.21 -3.69 -11.63
CBA HEC G . -3.30 -4.77 -11.46
CGA HEC G . -4.31 -4.60 -12.58
O1A HEC G . -3.99 -4.92 -13.75
O2A HEC G . -5.42 -4.07 -12.36
NB HEC G . 2.40 -4.54 -6.97
C1B HEC G . 2.71 -5.22 -8.17
C2B HEC G . 4.03 -5.80 -8.03
C3B HEC G . 4.50 -5.55 -6.80
C4B HEC G . 3.45 -4.84 -6.10
CMB HEC G . 4.77 -6.58 -9.17
CAB HEC G . 5.82 -6.05 -6.13
CBB HEC G . 7.16 -5.62 -6.76
NC HEC G . 1.38 -3.31 -4.79
C1C HEC G . 2.59 -3.64 -4.21
C2C HEC G . 2.59 -3.23 -2.83
C3C HEC G . 1.46 -2.51 -2.63
C4C HEC G . 0.67 -2.66 -3.84
CMC HEC G . 3.83 -3.44 -1.92
CAC HEC G . 0.90 -1.79 -1.35
CBC HEC G . 1.92 -0.92 -0.56
ND HEC G . -0.96 -2.64 -6.41
C1D HEC G . -1.26 -2.04 -5.18
C2D HEC G . -2.54 -1.37 -5.24
C3D HEC G . -3.05 -1.61 -6.66
C4D HEC G . -2.02 -2.40 -7.29
CMD HEC G . -3.24 -0.56 -4.13
CAD HEC G . -4.42 -1.15 -7.20
CBD HEC G . -5.53 -2.08 -6.66
CGD HEC G . -5.50 -3.46 -7.34
O1D HEC G . -5.94 -3.59 -8.49
O2D HEC G . -4.97 -4.45 -6.77
FE HEC H . 1.53 -7.78 -19.46
CHA HEC H . -0.19 -5.01 -20.71
CHB HEC H . 1.11 -6.68 -16.34
CHC HEC H . 3.17 -10.66 -18.18
CHD HEC H . 2.48 -8.67 -22.56
NA HEC H . 0.64 -6.15 -18.70
C1A HEC H . -0.08 -5.17 -19.35
C2A HEC H . -0.74 -4.38 -18.35
C3A HEC H . -0.35 -4.83 -17.15
C4A HEC H . 0.52 -5.95 -17.35
CMA HEC H . -0.73 -4.31 -15.73
CAA HEC H . -1.62 -3.18 -18.71
CBA HEC H . -3.06 -3.50 -18.34
CGA HEC H . -3.63 -4.54 -19.30
O1A HEC H . -4.30 -5.50 -18.83
O2A HEC H . -3.52 -4.41 -20.54
NB HEC H . 1.98 -8.60 -17.61
C1B HEC H . 1.76 -7.89 -16.43
C2B HEC H . 2.24 -8.70 -15.34
C3B HEC H . 2.82 -9.81 -15.83
C4B HEC H . 2.68 -9.75 -17.27
CMB HEC H . 2.24 -8.27 -13.84
CAB HEC H . 3.48 -10.95 -14.99
CBB HEC H . 2.46 -11.70 -14.12
NC HEC H . 2.56 -9.42 -20.22
C1C HEC H . 3.13 -10.49 -19.55
C2C HEC H . 3.68 -11.38 -20.54
C3C HEC H . 3.40 -10.89 -21.75
C4C HEC H . 2.75 -9.59 -21.57
CMC HEC H . 4.27 -12.78 -20.18
CAC HEC H . 3.80 -11.46 -23.15
CBC HEC H . 2.88 -12.62 -23.62
ND HEC H . 1.16 -6.96 -21.34
C1D HEC H . 1.82 -7.45 -22.46
C2D HEC H . 1.56 -6.54 -23.57
C3D HEC H . 0.68 -5.43 -23.03
C4D HEC H . 0.53 -5.75 -21.62
CMD HEC H . 2.02 -6.64 -25.05
CAD HEC H . 0.14 -4.22 -23.82
CBD HEC H . -1.00 -4.73 -24.73
CGD HEC H . -1.46 -3.63 -25.66
O1D HEC H . -2.66 -3.67 -25.97
O2D HEC H . -0.67 -2.70 -26.05
FE HEC I . 11.13 0.46 -8.13
CHA HEC I . 12.45 -1.15 -10.71
CHB HEC I . 13.87 2.68 -8.18
CHC HEC I . 9.78 2.20 -5.61
CHD HEC I . 8.53 -1.82 -7.96
NA HEC I . 12.80 0.76 -9.23
C1A HEC I . 13.12 -0.05 -10.30
C2A HEC I . 14.37 0.40 -10.88
C3A HEC I . 14.78 1.46 -10.19
C4A HEC I . 13.80 1.71 -9.15
CMA HEC I . 16.05 2.28 -10.45
CAA HEC I . 15.09 -0.27 -12.10
CBA HEC I . 15.93 -1.48 -11.62
CGA HEC I . 16.58 -2.23 -12.77
O1A HEC I . 17.65 -2.84 -12.57
O2A HEC I . 16.04 -2.24 -13.90
NB HEC I . 11.73 2.10 -7.09
C1B HEC I . 12.91 2.81 -7.20
C2B HEC I . 12.91 3.81 -6.17
C3B HEC I . 11.78 3.68 -5.45
C4B HEC I . 11.03 2.60 -6.02
CMB HEC I . 14.08 4.82 -5.93
CAB HEC I . 11.38 4.50 -4.18
CBB HEC I . 11.48 6.03 -4.33
NC HEC I . 9.51 0.20 -7.02
C1C HEC I . 9.10 1.10 -6.06
C2C HEC I . 7.81 0.65 -5.54
C3C HEC I . 7.45 -0.44 -6.23
C4C HEC I . 8.51 -0.74 -7.14
CMC HEC I . 7.05 1.39 -4.40
CAC HEC I . 6.16 -1.37 -6.15
CBC HEC I . 4.85 -0.62 -5.92
ND HEC I . 10.58 -1.22 -9.14
C1D HEC I . 9.49 -2.03 -8.92
C2D HEC I . 9.44 -3.08 -9.90
C3D HEC I . 10.66 -2.85 -10.75
C4D HEC I . 11.33 -1.70 -10.19
CMD HEC I . 8.38 -4.18 -10.11
CAD HEC I . 11.02 -3.66 -12.01
CBD HEC I . 11.99 -4.80 -11.78
CGD HEC I . 12.20 -5.35 -13.17
O1D HEC I . 12.58 -4.53 -14.07
O2D HEC I . 11.86 -6.54 -13.45
FE HEC J . 13.87 9.91 -7.16
CHA HEC J . 14.01 12.39 -4.75
CHB HEC J . 16.83 10.78 -8.33
CHC HEC J . 13.82 7.19 -9.33
CHD HEC J . 10.76 9.05 -6.08
NA HEC J . 15.10 11.31 -6.67
C1A HEC J . 15.05 12.20 -5.61
C2A HEC J . 16.28 12.97 -5.56
C3A HEC J . 17.07 12.51 -6.55
C4A HEC J . 16.33 11.47 -7.26
CMA HEC J . 18.47 13.03 -6.90
CAA HEC J . 16.63 14.11 -4.56
CBA HEC J . 15.91 15.38 -5.02
CGA HEC J . 16.11 16.54 -4.08
O1A HEC J . 15.77 17.68 -4.47
O2A HEC J . 16.58 16.34 -2.93
NB HEC J . 15.08 9.14 -8.60
C1B HEC J . 16.32 9.64 -8.88
C2B HEC J . 17.00 8.75 -9.80
C3B HEC J . 16.16 7.76 -10.07
C4B HEC J . 14.94 7.99 -9.32
CMB HEC J . 18.40 9.04 -10.41
CAB HEC J . 16.41 6.57 -11.02
CBB HEC J . 17.37 5.58 -10.40
NC HEC J . 12.59 8.43 -7.59
C1C HEC J . 12.70 7.44 -8.56
C2C HEC J . 11.56 6.58 -8.50
C3C HEC J . 10.65 7.19 -7.73
C4C HEC J . 11.32 8.31 -7.10
CMC HEC J . 11.29 5.53 -9.60
CAC HEC J . 9.18 6.80 -7.41
CBC HEC J . 8.97 5.28 -7.19
ND HEC J . 12.59 10.63 -5.63
C1D HEC J . 11.35 10.07 -5.37
C2D HEC J . 10.78 10.69 -4.23
C3D HEC J . 11.79 11.73 -3.81
C4D HEC J . 12.89 11.60 -4.72
CMD HEC J . 9.43 10.33 -3.55
CAD HEC J . 11.70 12.70 -2.62
CBD HEC J . 12.47 12.03 -1.48
CGD HEC J . 12.19 12.80 -0.20
O1D HEC J . 12.60 12.37 0.89
O2D HEC J . 11.41 13.76 -0.24
FE HEC K . 24.10 11.91 -15.25
CHA HEC K . 22.94 10.26 -18.15
CHB HEC K . 27.13 12.19 -16.67
CHC HEC K . 25.20 13.80 -12.49
CHD HEC K . 21.18 11.38 -13.69
NA HEC K . 24.88 11.37 -17.13
C1A HEC K . 24.30 10.55 -18.09
C2A HEC K . 25.36 10.07 -18.97
C3A HEC K . 26.52 10.61 -18.53
C4A HEC K . 26.23 11.43 -17.37
CMA HEC K . 27.91 10.37 -19.15
CAA HEC K . 25.21 9.11 -20.18
CBA HEC K . 25.71 7.70 -19.87
CGA HEC K . 24.88 7.09 -18.76
O1A HEC K . 25.46 6.90 -17.65
O2A HEC K . 23.68 6.74 -19.00
NB HEC K . 25.82 12.78 -14.64
C1B HEC K . 26.94 12.83 -15.45
C2B HEC K . 27.95 13.63 -14.80
C3B HEC K . 27.43 14.11 -13.65
C4B HEC K . 26.07 13.57 -13.53
CMB HEC K . 29.36 13.88 -15.39
CAB HEC K . 28.11 14.96 -12.55
CBB HEC K . 28.62 16.34 -13.02
NC HEC K . 23.36 12.48 -13.40
C1C HEC K . 23.93 13.27 -12.45
C2C HEC K . 22.99 13.42 -11.36
C3C HEC K . 21.86 12.79 -11.71
C4C HEC K . 22.07 12.18 -13.00
CMC HEC K . 23.31 14.22 -10.10
CAC HEC K . 20.54 12.70 -10.89
CBC HEC K . 20.06 14.09 -10.40
ND HEC K . 22.33 11.00 -15.87
C1D HEC K . 21.28 10.87 -14.97
C2D HEC K . 20.19 10.16 -15.65
C3D HEC K . 20.72 9.83 -17.05
C4D HEC K . 22.05 10.38 -17.09
CMD HEC K . 18.82 9.79 -15.08
CAD HEC K . 19.97 9.07 -18.14
CBD HEC K . 20.41 7.62 -18.13
CGD HEC K . 19.58 6.90 -19.15
O1D HEC K . 18.79 7.56 -19.88
O2D HEC K . 19.62 5.65 -19.14
FE HEC L . -19.72 -11.81 5.25
CHA HEC L . -20.19 -13.93 2.64
CHB HEC L . -21.60 -13.87 7.28
CHC HEC L . -18.89 -9.89 7.95
CHD HEC L . -18.03 -9.53 3.24
NA HEC L . -20.73 -13.60 5.02
C1A HEC L . -20.85 -14.26 3.82
C2A HEC L . -21.73 -15.42 4.03
C3A HEC L . -22.10 -15.42 5.33
C4A HEC L . -21.48 -14.25 5.97
CMA HEC L . -23.03 -16.43 6.05
CAA HEC L . -22.10 -16.45 2.94
CBA HEC L . -23.58 -16.83 3.02
CGA HEC L . -24.47 -15.73 2.50
O1A HEC L . -23.91 -14.78 1.88
O2A HEC L . -25.72 -15.82 2.66
NB HEC L . -20.18 -11.88 7.19
C1B HEC L . -20.98 -12.81 7.85
C2B HEC L . -21.03 -12.47 9.26
C3B HEC L . -20.30 -11.36 9.44
C4B HEC L . -19.76 -10.95 8.15
CMB HEC L . -21.87 -13.24 10.34
CAB HEC L . -20.12 -10.54 10.77
CBB HEC L . -19.56 -11.36 11.93
NC HEC L . -18.65 -9.98 5.54
C1C HEC L . -18.38 -9.44 6.77
C2C HEC L . -17.42 -8.36 6.60
C3C HEC L . -17.27 -8.16 5.28
C4C HEC L . -17.98 -9.25 4.60
CMC HEC L . -17.09 -7.42 7.78
CAC HEC L . -16.41 -7.09 4.53
CBC HEC L . -14.93 -7.10 4.94
ND HEC L . -19.17 -11.74 3.29
C1D HEC L . -18.54 -10.67 2.65
C2D HEC L . -18.52 -10.94 1.23
C3D HEC L . -19.21 -12.28 1.03
C4D HEC L . -19.53 -12.74 2.37
CMD HEC L . -17.96 -10.06 0.09
CAD HEC L . -19.41 -13.01 -0.34
CBD HEC L . -18.36 -14.09 -0.35
CGD HEC L . -18.54 -14.98 -1.57
O1D HEC L . -18.06 -16.15 -1.53
O2D HEC L . -19.11 -14.52 -2.60
MG MG M . 3.22 24.99 34.39
CA CA N . -2.43 -1.59 -26.97
MG MG O . -10.26 17.06 11.62
FE FE P . -22.86 25.17 17.24
FE FE Q . -22.78 26.00 13.97
FE FE R . -25.05 24.08 14.96
CAC FLC S . -24.03 28.76 12.74
CA FLC S . -25.31 28.03 12.32
CB FLC S . -25.36 26.51 12.58
CBC FLC S . -24.44 25.75 11.63
CG FLC S . -26.77 25.90 12.51
CGC FLC S . -26.79 24.36 12.47
OA1 FLC S . -23.01 28.11 13.02
OA2 FLC S . -23.98 30.04 12.79
OB1 FLC S . -23.35 25.34 12.05
OB2 FLC S . -24.79 25.47 10.45
OG1 FLC S . -27.67 23.82 11.74
OG2 FLC S . -26.01 23.63 13.14
OHB FLC S . -24.98 26.38 13.95
CAC FLC T . -20.27 24.22 13.02
CA FLC T . -21.01 22.89 13.15
CB FLC T . -21.97 22.72 14.34
CBC FLC T . -21.26 22.80 15.68
CG FLC T . -22.71 21.37 14.27
CGC FLC T . -23.67 21.04 15.43
OA1 FLC T . -20.68 25.30 13.55
OA2 FLC T . -19.22 24.22 12.34
OB1 FLC T . -21.62 23.58 16.58
OB2 FLC T . -20.27 22.06 15.84
OG1 FLC T . -24.75 21.66 15.55
OG2 FLC T . -23.47 20.01 16.11
OHB FLC T . -22.91 23.78 14.23
CAC FLC U . -28.15 24.32 17.00
CA FLC U . -27.56 24.80 18.30
CB FLC U . -26.09 25.24 18.24
CBC FLC U . -25.30 24.14 18.95
CG FLC U . -26.02 26.65 18.88
CGC FLC U . -24.66 27.21 19.25
OA1 FLC U . -27.44 23.74 16.16
OA2 FLC U . -29.38 24.48 16.83
OB1 FLC U . -24.46 24.38 19.87
OB2 FLC U . -25.50 22.97 18.55
OG1 FLC U . -24.34 27.24 20.47
OG2 FLC U . -23.93 27.71 18.37
OHB FLC U . -25.63 25.32 16.88
O O V . -21.92 26.77 15.86
C1 GOL W . -3.10 5.29 3.99
O1 GOL W . -3.81 6.44 3.58
C2 GOL W . -1.78 5.77 4.60
O2 GOL W . -0.96 4.71 4.96
C3 GOL W . -1.91 6.74 5.79
O3 GOL W . -0.60 7.08 6.22
#